data_4J16
#
_entry.id   4J16
#
_cell.length_a   67.616
_cell.length_b   75.038
_cell.length_c   198.144
_cell.angle_alpha   90.00
_cell.angle_beta   90.00
_cell.angle_gamma   90.00
#
_symmetry.space_group_name_H-M   'P 21 21 21'
#
loop_
_entity.id
_entity.type
_entity.pdbx_description
1 polymer 'NAD/NADP transhydrogenase alpha subunit 1'
2 polymer 'NAD(P) transhydrogenase subunit beta'
3 non-polymer NICOTINAMIDE-ADENINE-DINUCLEOTIDE
4 non-polymer 'CHLORIDE ION'
5 non-polymer 'TRIETHYLENE GLYCOL'
6 non-polymer GLYCEROL
7 non-polymer 'NADP NICOTINAMIDE-ADENINE-DINUCLEOTIDE PHOSPHATE'
8 water water
#
loop_
_entity_poly.entity_id
_entity_poly.type
_entity_poly.pdbx_seq_one_letter_code
_entity_poly.pdbx_strand_id
1 'polypeptide(L)'
;HHHHHHMVTVAVPKERAPGERRVALVPEVVARLVKGGARVRVERGAGEGAYHPDEAYQEAGAEVVERGELLKGAHLLFTV
QPPPEDLIQALEPGAIVVGFVQPHKNLELVRALQAKKATVIAMELIPRITRAQSMDALSSQATVAGYLAAIHAARLSPRF
FPMLTTAAGTIRPAKVMVMGVGVAGLMAIATAKRLGAQVFAYDVRKAALEQALSLGAKPIELPISAEGEGGYARELTEEE
KRIQHEALRDHVAGMDVLITTAQVPGRRAPILLTEDMVERLKPGTVVVDLAAESGGNCVLTKPGEVVEVRGVRVYGPLNL
PSELSVHASEMYAKNLYNLSSLLIEKGAFAPKWEDEIVRAALLMKEGEVLHGPTKALLGGA
;
A,B
2 'polypeptide(L)'
;VEQEAGEVKGSLKPIDVEDAAVMLAYAGKVVFVPGYGMALSQAQHKLKELADLLEARGVEVKFAIHPVAGRMPGHMNVLL
AEAGVDYDKLKDLEEINPEFPTVDVAVVIGANDVVNPAARRPGSPLYGMPILDVDKAKNVIVIKRGQGKGFAGVENELFY
AENTRMLYGDAQKVLTELIQALKRL
;
C
#
loop_
_chem_comp.id
_chem_comp.type
_chem_comp.name
_chem_comp.formula
CL non-polymer 'CHLORIDE ION' 'Cl -1'
GOL non-polymer GLYCEROL 'C3 H8 O3'
NAD non-polymer NICOTINAMIDE-ADENINE-DINUCLEOTIDE 'C21 H27 N7 O14 P2'
NAP non-polymer 'NADP NICOTINAMIDE-ADENINE-DINUCLEOTIDE PHOSPHATE' 'C21 H28 N7 O17 P3'
PGE non-polymer 'TRIETHYLENE GLYCOL' 'C6 H14 O4'
#
# COMPACT_ATOMS: atom_id res chain seq x y z
N MET A 7 43.31 -7.70 2.48
CA MET A 7 42.28 -7.23 3.46
C MET A 7 41.49 -6.00 2.95
N VAL A 8 40.62 -6.22 1.96
CA VAL A 8 39.95 -5.14 1.20
C VAL A 8 39.32 -3.93 1.93
N THR A 9 39.29 -2.78 1.25
CA THR A 9 38.55 -1.60 1.71
C THR A 9 37.47 -1.22 0.67
N VAL A 10 36.20 -1.33 1.06
CA VAL A 10 35.09 -1.03 0.14
C VAL A 10 34.49 0.33 0.48
N ALA A 11 34.16 1.10 -0.55
CA ALA A 11 33.67 2.48 -0.37
C ALA A 11 32.19 2.67 -0.75
N VAL A 12 31.48 3.52 0.00
CA VAL A 12 30.08 3.85 -0.28
C VAL A 12 29.83 5.37 -0.20
N PRO A 13 29.48 5.98 -1.33
CA PRO A 13 29.32 7.43 -1.40
C PRO A 13 27.92 7.91 -1.08
N LYS A 14 27.79 9.22 -0.86
CA LYS A 14 26.48 9.85 -0.77
C LYS A 14 25.98 10.06 -2.20
N GLU A 15 24.78 9.54 -2.49
CA GLU A 15 24.24 9.60 -3.84
C GLU A 15 23.96 11.03 -4.25
N ARG A 16 24.07 11.31 -5.55
CA ARG A 16 23.91 12.67 -6.06
C ARG A 16 22.76 12.89 -7.06
N ALA A 17 22.37 11.82 -7.76
CA ALA A 17 21.30 11.92 -8.77
C ALA A 17 20.04 12.60 -8.21
N PRO A 18 19.36 13.41 -9.05
CA PRO A 18 18.10 14.05 -8.66
C PRO A 18 17.12 13.11 -7.93
N GLY A 19 16.79 13.46 -6.70
CA GLY A 19 15.78 12.74 -5.92
C GLY A 19 16.23 11.42 -5.29
N GLU A 20 17.54 11.15 -5.31
CA GLU A 20 18.06 9.89 -4.76
C GLU A 20 18.37 9.99 -3.28
N ARG A 21 17.65 9.23 -2.47
CA ARG A 21 17.85 9.22 -1.03
C ARG A 21 18.37 7.86 -0.52
N ARG A 22 18.59 6.91 -1.42
CA ARG A 22 19.09 5.57 -1.04
C ARG A 22 20.61 5.58 -0.82
N VAL A 23 21.08 4.58 -0.09
CA VAL A 23 22.50 4.38 0.14
C VAL A 23 22.85 2.91 -0.13
N ALA A 24 24.03 2.70 -0.69
CA ALA A 24 24.40 1.38 -1.19
C ALA A 24 24.60 0.36 -0.08
N LEU A 25 25.02 0.83 1.10
CA LEU A 25 25.17 -0.04 2.28
C LEU A 25 24.59 0.62 3.51
N VAL A 26 23.86 -0.16 4.30
CA VAL A 26 23.33 0.30 5.57
C VAL A 26 24.20 -0.23 6.73
N PRO A 27 24.11 0.40 7.91
CA PRO A 27 24.90 0.01 9.08
C PRO A 27 25.05 -1.48 9.39
N GLU A 28 23.94 -2.19 9.51
CA GLU A 28 23.96 -3.61 9.92
C GLU A 28 24.75 -4.48 8.94
N VAL A 29 24.64 -4.16 7.65
CA VAL A 29 25.33 -4.90 6.62
C VAL A 29 26.80 -4.51 6.58
N VAL A 30 27.08 -3.24 6.89
CA VAL A 30 28.43 -2.74 7.01
C VAL A 30 29.08 -3.45 8.18
N ALA A 31 28.34 -3.57 9.29
CA ALA A 31 28.84 -4.25 10.48
C ALA A 31 29.31 -5.66 10.16
N ARG A 32 28.56 -6.38 9.33
CA ARG A 32 28.90 -7.76 9.02
C ARG A 32 30.12 -7.84 8.11
N LEU A 33 30.19 -6.94 7.13
CA LEU A 33 31.38 -6.82 6.29
C LEU A 33 32.64 -6.59 7.15
N VAL A 34 32.51 -5.78 8.21
CA VAL A 34 33.61 -5.49 9.11
C VAL A 34 33.93 -6.66 10.03
N LYS A 35 32.88 -7.25 10.64
CA LYS A 35 33.04 -8.51 11.37
C LYS A 35 33.73 -9.54 10.47
N GLY A 36 33.38 -9.53 9.18
CA GLY A 36 34.02 -10.39 8.19
C GLY A 36 35.46 -10.03 7.84
N GLY A 37 35.96 -8.93 8.39
CA GLY A 37 37.36 -8.55 8.24
C GLY A 37 37.66 -7.55 7.14
N ALA A 38 36.64 -6.78 6.74
CA ALA A 38 36.79 -5.81 5.66
C ALA A 38 36.83 -4.37 6.18
N ARG A 39 37.44 -3.49 5.40
CA ARG A 39 37.43 -2.06 5.70
C ARG A 39 36.31 -1.37 4.90
N VAL A 40 35.68 -0.36 5.51
CA VAL A 40 34.55 0.32 4.90
C VAL A 40 34.70 1.83 5.04
N ARG A 41 34.91 2.50 3.91
CA ARG A 41 34.98 3.96 3.86
C ARG A 41 33.62 4.49 3.40
N VAL A 42 33.03 5.39 4.18
CA VAL A 42 31.68 5.89 3.93
C VAL A 42 31.69 7.41 3.91
N GLU A 43 31.20 8.01 2.82
CA GLU A 43 31.15 9.48 2.72
C GLU A 43 30.29 10.07 3.83
N ARG A 44 30.70 11.24 4.31
CA ARG A 44 29.95 12.00 5.29
C ARG A 44 28.48 12.15 4.88
N GLY A 45 27.60 11.46 5.60
CA GLY A 45 26.16 11.65 5.43
C GLY A 45 25.53 10.90 4.28
N ALA A 46 26.20 9.84 3.81
CA ALA A 46 25.67 9.03 2.71
C ALA A 46 24.35 8.31 3.06
N GLY A 47 24.15 8.02 4.34
CA GLY A 47 22.99 7.25 4.79
C GLY A 47 21.80 8.08 5.25
N GLU A 48 22.02 9.38 5.47
CA GLU A 48 21.00 10.25 6.06
C GLU A 48 19.67 10.24 5.30
N GLY A 49 19.74 10.06 3.98
CA GLY A 49 18.55 9.90 3.14
C GLY A 49 17.73 8.67 3.50
N ALA A 50 18.39 7.66 4.07
CA ALA A 50 17.69 6.47 4.56
C ALA A 50 17.74 6.36 6.09
N TYR A 51 17.80 7.50 6.76
CA TYR A 51 17.74 7.57 8.23
C TYR A 51 18.83 6.74 8.91
N HIS A 52 20.00 6.71 8.29
CA HIS A 52 21.15 6.03 8.85
C HIS A 52 22.24 7.08 9.05
N PRO A 53 22.33 7.61 10.28
CA PRO A 53 23.25 8.71 10.59
C PRO A 53 24.72 8.33 10.52
N ASP A 54 25.59 9.33 10.55
CA ASP A 54 27.03 9.11 10.44
C ASP A 54 27.59 8.23 11.58
N GLU A 55 27.10 8.46 12.80
CA GLU A 55 27.56 7.68 13.96
C GLU A 55 27.16 6.21 13.87
N ALA A 56 26.01 5.91 13.26
CA ALA A 56 25.60 4.52 13.04
C ALA A 56 26.67 3.70 12.29
N TYR A 57 27.23 4.29 11.24
CA TYR A 57 28.29 3.64 10.45
C TYR A 57 29.58 3.53 11.24
N GLN A 58 29.85 4.52 12.10
CA GLN A 58 31.04 4.49 12.96
C GLN A 58 30.93 3.35 13.98
N GLU A 59 29.73 3.18 14.55
CA GLU A 59 29.46 2.11 15.50
C GLU A 59 29.50 0.72 14.84
N ALA A 60 29.47 0.68 13.51
CA ALA A 60 29.58 -0.56 12.75
C ALA A 60 31.03 -0.88 12.32
N GLY A 61 31.97 -0.05 12.75
CA GLY A 61 33.38 -0.24 12.42
C GLY A 61 33.81 0.43 11.12
N ALA A 62 32.90 1.18 10.51
CA ALA A 62 33.23 1.91 9.29
C ALA A 62 33.91 3.23 9.63
N GLU A 63 34.57 3.81 8.63
CA GLU A 63 35.28 5.07 8.79
C GLU A 63 34.56 6.12 7.95
N VAL A 64 34.02 7.15 8.61
CA VAL A 64 33.30 8.21 7.90
C VAL A 64 34.25 9.35 7.51
N VAL A 65 34.40 9.54 6.20
CA VAL A 65 35.40 10.46 5.65
C VAL A 65 34.79 11.43 4.66
N GLU A 66 35.62 12.32 4.13
CA GLU A 66 35.18 13.29 3.14
C GLU A 66 35.18 12.69 1.75
N ARG A 67 34.28 13.16 0.91
CA ARG A 67 34.30 12.84 -0.51
C ARG A 67 35.59 13.43 -1.09
N GLY A 68 36.29 12.65 -1.91
CA GLY A 68 37.61 13.06 -2.41
C GLY A 68 38.68 12.26 -1.68
N GLU A 69 38.55 12.19 -0.36
CA GLU A 69 39.33 11.25 0.44
C GLU A 69 38.71 9.85 0.33
N LEU A 70 37.42 9.80 0.02
CA LEU A 70 36.65 8.55 -0.01
C LEU A 70 37.34 7.38 -0.70
N LEU A 71 38.00 7.65 -1.82
CA LEU A 71 38.42 6.60 -2.74
C LEU A 71 39.92 6.27 -2.69
N LYS A 72 40.64 6.87 -1.76
CA LYS A 72 42.07 6.56 -1.56
C LYS A 72 42.24 5.23 -0.82
N GLY A 73 42.96 4.30 -1.45
CA GLY A 73 43.12 2.95 -0.91
C GLY A 73 41.92 2.03 -1.08
N ALA A 74 40.93 2.47 -1.87
CA ALA A 74 39.67 1.72 -2.03
C ALA A 74 39.69 0.76 -3.22
N HIS A 75 39.23 -0.47 -2.99
CA HIS A 75 39.22 -1.51 -4.01
C HIS A 75 37.85 -1.77 -4.62
N LEU A 76 36.80 -1.34 -3.92
CA LEU A 76 35.43 -1.56 -4.36
C LEU A 76 34.59 -0.32 -4.13
N LEU A 77 33.98 0.20 -5.20
CA LEU A 77 33.01 1.27 -5.07
C LEU A 77 31.62 0.66 -5.15
N PHE A 78 30.87 0.79 -4.06
CA PHE A 78 29.50 0.30 -4.04
C PHE A 78 28.61 1.52 -4.15
N THR A 79 27.84 1.59 -5.24
CA THR A 79 26.96 2.75 -5.47
C THR A 79 25.50 2.30 -5.72
N VAL A 80 24.56 3.19 -5.48
CA VAL A 80 23.17 2.94 -5.85
C VAL A 80 23.07 3.29 -7.33
N GLN A 81 23.05 4.59 -7.64
CA GLN A 81 23.16 5.04 -9.03
C GLN A 81 24.64 5.20 -9.39
N PRO A 82 24.95 5.22 -10.69
CA PRO A 82 26.35 5.32 -11.13
C PRO A 82 27.05 6.57 -10.60
N PRO A 83 28.34 6.47 -10.28
CA PRO A 83 29.09 7.60 -9.73
C PRO A 83 29.28 8.77 -10.72
N PRO A 84 29.15 10.01 -10.24
CA PRO A 84 29.46 11.19 -11.05
C PRO A 84 30.92 11.27 -11.48
N GLU A 85 31.26 12.33 -12.21
CA GLU A 85 32.63 12.55 -12.69
C GLU A 85 33.67 12.54 -11.57
N ASP A 86 33.43 13.34 -10.53
CA ASP A 86 34.42 13.53 -9.46
C ASP A 86 34.90 12.22 -8.83
N LEU A 87 34.00 11.25 -8.70
CA LEU A 87 34.35 9.93 -8.16
C LEU A 87 35.03 9.06 -9.22
N ILE A 88 34.62 9.21 -10.47
CA ILE A 88 35.26 8.49 -11.57
C ILE A 88 36.74 8.88 -11.69
N GLN A 89 37.04 10.16 -11.45
CA GLN A 89 38.44 10.65 -11.46
C GLN A 89 39.20 10.13 -10.24
N ALA A 90 38.48 9.91 -9.13
CA ALA A 90 39.10 9.42 -7.90
C ALA A 90 39.45 7.93 -7.91
N LEU A 91 39.00 7.21 -8.94
CA LEU A 91 39.18 5.75 -9.01
C LEU A 91 40.62 5.29 -9.19
N GLU A 92 40.98 4.22 -8.49
CA GLU A 92 42.34 3.69 -8.50
C GLU A 92 42.44 2.46 -9.41
N PRO A 93 43.66 2.13 -9.83
CA PRO A 93 43.89 0.90 -10.61
C PRO A 93 43.47 -0.38 -9.86
N GLY A 94 42.78 -1.28 -10.56
CA GLY A 94 42.30 -2.52 -9.97
C GLY A 94 40.98 -2.41 -9.22
N ALA A 95 40.46 -1.19 -9.09
CA ALA A 95 39.23 -0.95 -8.35
C ALA A 95 38.02 -1.39 -9.16
N ILE A 96 37.02 -1.92 -8.48
CA ILE A 96 35.79 -2.35 -9.14
C ILE A 96 34.62 -1.47 -8.74
N VAL A 97 33.89 -1.00 -9.75
CA VAL A 97 32.68 -0.23 -9.54
C VAL A 97 31.53 -1.24 -9.52
N VAL A 98 30.72 -1.17 -8.46
CA VAL A 98 29.51 -2.00 -8.34
C VAL A 98 28.29 -1.13 -8.04
N GLY A 99 27.30 -1.20 -8.92
CA GLY A 99 26.05 -0.47 -8.72
C GLY A 99 25.20 -0.52 -9.98
N PHE A 100 24.04 0.15 -9.95
CA PHE A 100 23.28 0.37 -11.16
C PHE A 100 24.12 1.28 -12.04
N VAL A 101 24.03 1.06 -13.34
CA VAL A 101 24.74 1.86 -14.31
C VAL A 101 23.71 2.43 -15.28
N GLN A 102 23.00 1.54 -15.97
CA GLN A 102 21.92 1.93 -16.89
C GLN A 102 22.42 2.88 -18.01
N PRO A 103 23.23 2.33 -18.93
CA PRO A 103 23.88 3.09 -20.01
C PRO A 103 22.99 4.01 -20.87
N HIS A 104 21.76 3.60 -21.12
CA HIS A 104 20.82 4.39 -21.92
C HIS A 104 20.45 5.72 -21.25
N LYS A 105 20.52 5.78 -19.91
CA LYS A 105 20.21 7.01 -19.18
C LYS A 105 21.43 7.73 -18.61
N ASN A 106 22.61 7.15 -18.76
CA ASN A 106 23.83 7.73 -18.20
C ASN A 106 25.01 7.58 -19.16
N LEU A 107 24.79 7.95 -20.42
CA LEU A 107 25.80 7.77 -21.47
C LEU A 107 27.12 8.43 -21.08
N GLU A 108 27.07 9.69 -20.65
CA GLU A 108 28.28 10.44 -20.32
C GLU A 108 29.12 9.79 -19.21
N LEU A 109 28.46 9.38 -18.12
CA LEU A 109 29.17 8.73 -17.00
C LEU A 109 29.84 7.42 -17.43
N VAL A 110 29.19 6.68 -18.32
CA VAL A 110 29.77 5.46 -18.89
C VAL A 110 30.96 5.78 -19.80
N ARG A 111 30.82 6.80 -20.65
CA ARG A 111 31.92 7.25 -21.53
C ARG A 111 33.11 7.70 -20.68
N ALA A 112 32.82 8.48 -19.64
CA ALA A 112 33.85 8.96 -18.72
C ALA A 112 34.60 7.80 -18.06
N LEU A 113 33.86 6.72 -17.75
CA LEU A 113 34.44 5.54 -17.11
C LEU A 113 35.48 4.78 -17.95
N GLN A 114 35.42 4.94 -19.27
CA GLN A 114 36.45 4.41 -20.16
C GLN A 114 37.74 5.18 -20.00
N ALA A 115 37.63 6.51 -20.04
CA ALA A 115 38.80 7.39 -19.92
C ALA A 115 39.67 7.06 -18.69
N LYS A 116 39.03 6.85 -17.54
CA LYS A 116 39.74 6.42 -16.34
C LYS A 116 40.11 4.95 -16.41
N LYS A 117 39.44 4.22 -17.30
CA LYS A 117 39.72 2.80 -17.52
C LYS A 117 39.41 2.03 -16.25
N ALA A 118 38.20 2.25 -15.72
CA ALA A 118 37.75 1.59 -14.51
C ALA A 118 36.97 0.33 -14.85
N THR A 119 36.91 -0.58 -13.89
CA THR A 119 36.19 -1.84 -14.04
C THR A 119 34.82 -1.67 -13.38
N VAL A 120 33.75 -2.00 -14.11
CA VAL A 120 32.39 -1.88 -13.57
C VAL A 120 31.52 -3.12 -13.79
N ILE A 121 30.86 -3.55 -12.73
CA ILE A 121 29.84 -4.56 -12.82
C ILE A 121 28.51 -3.86 -12.51
N ALA A 122 27.54 -4.09 -13.38
CA ALA A 122 26.28 -3.37 -13.32
C ALA A 122 25.22 -4.25 -12.69
N MET A 123 24.52 -3.70 -11.71
CA MET A 123 23.51 -4.47 -10.96
C MET A 123 22.29 -4.84 -11.79
N GLU A 124 21.98 -4.04 -12.82
CA GLU A 124 20.86 -4.36 -13.70
C GLU A 124 21.17 -5.56 -14.59
N LEU A 125 22.45 -5.86 -14.75
CA LEU A 125 22.88 -7.02 -15.53
C LEU A 125 23.16 -8.26 -14.69
N ILE A 126 22.84 -8.20 -13.40
CA ILE A 126 22.91 -9.37 -12.52
C ILE A 126 21.99 -10.42 -13.14
N PRO A 127 22.55 -11.57 -13.51
CA PRO A 127 21.81 -12.57 -14.26
C PRO A 127 20.68 -13.21 -13.47
N ARG A 128 19.68 -13.70 -14.19
CA ARG A 128 18.46 -14.22 -13.57
C ARG A 128 18.58 -15.74 -13.33
N ILE A 129 19.68 -16.13 -12.69
CA ILE A 129 19.90 -17.54 -12.34
C ILE A 129 19.87 -17.67 -10.83
N THR A 130 19.65 -18.89 -10.35
CA THR A 130 19.27 -19.11 -8.95
C THR A 130 20.33 -18.61 -7.98
N ARG A 131 21.59 -18.77 -8.36
CA ARG A 131 22.72 -18.29 -7.54
C ARG A 131 22.70 -16.77 -7.32
N ALA A 132 22.02 -16.04 -8.20
CA ALA A 132 22.04 -14.59 -8.18
C ALA A 132 20.73 -13.96 -7.68
N GLN A 133 19.78 -14.81 -7.28
CA GLN A 133 18.49 -14.35 -6.73
C GLN A 133 18.63 -13.40 -5.54
N SER A 134 19.51 -13.74 -4.62
CA SER A 134 19.74 -12.93 -3.43
C SER A 134 20.47 -11.63 -3.75
N MET A 135 20.95 -11.51 -4.99
CA MET A 135 21.67 -10.32 -5.46
C MET A 135 20.83 -9.46 -6.43
N ASP A 136 19.62 -9.93 -6.75
CA ASP A 136 18.79 -9.29 -7.76
C ASP A 136 18.23 -7.94 -7.32
N ALA A 137 18.98 -6.89 -7.60
CA ALA A 137 18.60 -5.53 -7.19
C ALA A 137 17.38 -4.99 -7.93
N LEU A 138 17.25 -5.30 -9.22
CA LEU A 138 16.05 -4.93 -9.97
C LEU A 138 14.79 -5.42 -9.24
N SER A 139 14.73 -6.70 -8.91
CA SER A 139 13.56 -7.27 -8.23
C SER A 139 13.21 -6.61 -6.89
N SER A 140 14.22 -6.41 -6.05
CA SER A 140 13.99 -5.81 -4.74
C SER A 140 13.47 -4.38 -4.88
N GLN A 141 14.10 -3.61 -5.77
CA GLN A 141 13.72 -2.22 -5.94
C GLN A 141 12.38 -2.10 -6.66
N ALA A 142 12.12 -2.98 -7.62
CA ALA A 142 10.84 -3.00 -8.32
C ALA A 142 9.72 -3.33 -7.33
N THR A 143 10.02 -4.17 -6.34
CA THR A 143 9.04 -4.56 -5.32
C THR A 143 8.60 -3.34 -4.52
N VAL A 144 9.55 -2.49 -4.17
CA VAL A 144 9.24 -1.24 -3.47
C VAL A 144 8.37 -0.33 -4.34
N ALA A 145 8.75 -0.25 -5.61
CA ALA A 145 8.06 0.62 -6.53
C ALA A 145 6.61 0.17 -6.72
N GLY A 146 6.42 -1.13 -6.88
CA GLY A 146 5.10 -1.66 -7.09
C GLY A 146 4.19 -1.42 -5.90
N TYR A 147 4.72 -1.65 -4.71
CA TYR A 147 3.99 -1.38 -3.48
C TYR A 147 3.56 0.08 -3.39
N LEU A 148 4.52 0.99 -3.51
CA LEU A 148 4.22 2.43 -3.47
C LEU A 148 3.31 2.92 -4.61
N ALA A 149 3.38 2.26 -5.76
CA ALA A 149 2.55 2.62 -6.91
C ALA A 149 1.09 2.44 -6.55
N ALA A 150 0.77 1.33 -5.90
CA ALA A 150 -0.58 1.07 -5.43
C ALA A 150 -1.01 2.04 -4.33
N ILE A 151 -0.08 2.36 -3.43
CA ILE A 151 -0.36 3.28 -2.33
C ILE A 151 -0.68 4.65 -2.90
N HIS A 152 0.15 5.12 -3.81
CA HIS A 152 -0.06 6.43 -4.42
C HIS A 152 -1.35 6.47 -5.25
N ALA A 153 -1.65 5.36 -5.90
CA ALA A 153 -2.89 5.20 -6.63
C ALA A 153 -4.10 5.46 -5.73
N ALA A 154 -4.11 4.82 -4.56
CA ALA A 154 -5.18 5.01 -3.58
C ALA A 154 -5.23 6.42 -3.03
N ARG A 155 -4.05 7.01 -2.82
CA ARG A 155 -3.96 8.39 -2.34
C ARG A 155 -4.56 9.40 -3.34
N LEU A 156 -4.27 9.20 -4.62
CA LEU A 156 -4.73 10.14 -5.64
C LEU A 156 -6.20 9.90 -6.08
N SER A 157 -6.72 8.70 -5.83
CA SER A 157 -8.07 8.36 -6.23
C SER A 157 -9.10 8.98 -5.30
N PRO A 158 -10.19 9.54 -5.88
CA PRO A 158 -11.30 10.09 -5.09
C PRO A 158 -12.34 9.05 -4.65
N ARG A 159 -12.06 7.78 -4.92
CA ARG A 159 -12.88 6.65 -4.50
C ARG A 159 -12.09 5.70 -3.57
N PHE A 160 -12.83 5.00 -2.72
CA PHE A 160 -12.32 3.84 -2.00
C PHE A 160 -11.84 2.74 -2.94
N PHE A 161 -10.71 2.13 -2.58
CA PHE A 161 -10.30 0.87 -3.17
C PHE A 161 -11.23 -0.27 -2.77
N PRO A 162 -11.45 -0.45 -1.45
CA PRO A 162 -12.25 -1.56 -0.97
C PRO A 162 -13.74 -1.41 -1.16
N MET A 163 -14.41 -2.54 -1.32
CA MET A 163 -15.87 -2.57 -1.21
C MET A 163 -16.21 -2.16 0.20
N LEU A 164 -17.16 -1.25 0.34
CA LEU A 164 -17.59 -0.81 1.63
C LEU A 164 -19.10 -0.92 1.71
N THR A 165 -19.58 -1.54 2.77
CA THR A 165 -21.02 -1.57 3.04
C THR A 165 -21.27 -0.98 4.43
N THR A 166 -22.23 -0.07 4.52
CA THR A 166 -22.60 0.53 5.81
C THR A 166 -24.07 0.86 5.77
N ALA A 167 -24.61 1.40 6.87
CA ALA A 167 -26.04 1.76 6.92
C ALA A 167 -26.39 2.82 5.87
N ALA A 168 -25.38 3.57 5.43
CA ALA A 168 -25.56 4.57 4.37
C ALA A 168 -25.68 3.97 2.96
N GLY A 169 -25.26 2.72 2.81
CA GLY A 169 -25.35 2.03 1.52
C GLY A 169 -24.09 1.27 1.16
N THR A 170 -24.08 0.70 -0.04
CA THR A 170 -22.99 -0.14 -0.47
C THR A 170 -22.22 0.48 -1.60
N ILE A 171 -20.90 0.46 -1.47
CA ILE A 171 -19.99 1.07 -2.42
C ILE A 171 -19.13 -0.01 -3.04
N ARG A 172 -19.05 -0.01 -4.37
CA ARG A 172 -18.29 -0.99 -5.10
C ARG A 172 -16.82 -0.73 -4.87
N PRO A 173 -15.98 -1.76 -5.02
CA PRO A 173 -14.54 -1.58 -4.98
C PRO A 173 -14.07 -0.90 -6.26
N ALA A 174 -12.90 -0.29 -6.19
CA ALA A 174 -12.30 0.35 -7.34
C ALA A 174 -11.89 -0.71 -8.36
N LYS A 175 -11.92 -0.34 -9.63
CA LYS A 175 -11.37 -1.19 -10.68
C LYS A 175 -9.95 -0.73 -11.03
N VAL A 176 -8.97 -1.51 -10.63
CA VAL A 176 -7.58 -1.16 -10.87
C VAL A 176 -7.03 -2.07 -11.96
N MET A 177 -6.36 -1.49 -12.96
CA MET A 177 -5.66 -2.28 -13.95
C MET A 177 -4.17 -2.00 -13.88
N VAL A 178 -3.38 -3.05 -13.70
CA VAL A 178 -1.92 -2.94 -13.75
C VAL A 178 -1.50 -3.31 -15.16
N MET A 179 -0.85 -2.37 -15.85
CA MET A 179 -0.40 -2.59 -17.22
C MET A 179 1.11 -2.82 -17.22
N GLY A 180 1.51 -4.04 -17.53
CA GLY A 180 2.90 -4.44 -17.41
C GLY A 180 3.07 -5.15 -16.09
N VAL A 181 3.22 -6.46 -16.13
CA VAL A 181 3.26 -7.27 -14.93
C VAL A 181 4.64 -7.94 -14.74
N GLY A 182 5.64 -7.13 -14.44
CA GLY A 182 6.92 -7.66 -13.95
C GLY A 182 6.78 -7.68 -12.43
N VAL A 183 7.92 -7.61 -11.74
CA VAL A 183 7.96 -7.61 -10.30
C VAL A 183 7.16 -6.42 -9.74
N ALA A 184 7.40 -5.22 -10.28
CA ALA A 184 6.68 -4.03 -9.84
C ALA A 184 5.18 -4.22 -10.07
N GLY A 185 4.82 -4.69 -11.25
CA GLY A 185 3.42 -4.96 -11.56
C GLY A 185 2.76 -5.93 -10.58
N LEU A 186 3.48 -7.00 -10.25
CA LEU A 186 2.95 -8.02 -9.37
C LEU A 186 2.70 -7.45 -7.98
N MET A 187 3.66 -6.71 -7.46
CA MET A 187 3.52 -6.10 -6.15
C MET A 187 2.40 -5.05 -6.13
N ALA A 188 2.27 -4.29 -7.25
CA ALA A 188 1.15 -3.34 -7.39
C ALA A 188 -0.19 -4.04 -7.35
N ILE A 189 -0.30 -5.16 -8.06
CA ILE A 189 -1.51 -5.98 -8.01
C ILE A 189 -1.79 -6.40 -6.58
N ALA A 190 -0.78 -6.97 -5.92
CA ALA A 190 -0.96 -7.56 -4.59
C ALA A 190 -1.39 -6.53 -3.58
N THR A 191 -0.79 -5.35 -3.64
CA THR A 191 -1.12 -4.28 -2.70
C THR A 191 -2.50 -3.65 -2.99
N ALA A 192 -2.87 -3.53 -4.26
CA ALA A 192 -4.21 -3.03 -4.61
C ALA A 192 -5.26 -4.06 -4.23
N LYS A 193 -4.91 -5.33 -4.37
CA LYS A 193 -5.79 -6.42 -3.95
C LYS A 193 -6.00 -6.48 -2.43
N ARG A 194 -4.96 -6.23 -1.64
CA ARG A 194 -5.11 -6.27 -0.17
C ARG A 194 -6.06 -5.18 0.25
N LEU A 195 -5.94 -4.04 -0.44
CA LEU A 195 -6.73 -2.86 -0.14
C LEU A 195 -8.18 -3.03 -0.49
N GLY A 196 -8.50 -4.06 -1.28
CA GLY A 196 -9.89 -4.38 -1.62
C GLY A 196 -10.33 -4.05 -3.04
N ALA A 197 -9.42 -3.52 -3.85
CA ALA A 197 -9.73 -3.16 -5.22
C ALA A 197 -9.97 -4.40 -6.05
N GLN A 198 -10.86 -4.29 -7.02
CA GLN A 198 -11.01 -5.29 -8.05
C GLN A 198 -9.84 -5.08 -9.04
N VAL A 199 -9.00 -6.08 -9.21
CA VAL A 199 -7.77 -5.89 -9.95
C VAL A 199 -7.73 -6.66 -11.25
N PHE A 200 -7.31 -5.98 -12.31
CA PHE A 200 -7.18 -6.59 -13.62
C PHE A 200 -5.74 -6.46 -14.09
N ALA A 201 -5.31 -7.38 -14.95
CA ALA A 201 -3.91 -7.41 -15.40
C ALA A 201 -3.76 -7.48 -16.91
N TYR A 202 -2.89 -6.62 -17.45
CA TYR A 202 -2.57 -6.65 -18.86
C TYR A 202 -1.05 -6.82 -19.08
N ASP A 203 -0.71 -7.79 -19.93
CA ASP A 203 0.68 -8.06 -20.31
C ASP A 203 0.64 -8.91 -21.58
N VAL A 204 1.70 -8.88 -22.36
CA VAL A 204 1.76 -9.70 -23.59
C VAL A 204 2.19 -11.15 -23.34
N ARG A 205 2.80 -11.39 -22.17
CA ARG A 205 3.28 -12.72 -21.81
C ARG A 205 2.26 -13.54 -21.02
N LYS A 206 1.96 -14.73 -21.52
CA LYS A 206 1.08 -15.67 -20.82
C LYS A 206 1.60 -15.95 -19.40
N ALA A 207 2.93 -16.02 -19.24
CA ALA A 207 3.56 -16.26 -17.93
C ALA A 207 3.22 -15.17 -16.92
N ALA A 208 3.40 -13.92 -17.33
CA ALA A 208 3.07 -12.77 -16.49
C ALA A 208 1.59 -12.78 -16.08
N LEU A 209 0.72 -13.11 -17.03
CA LEU A 209 -0.72 -13.19 -16.79
C LEU A 209 -1.12 -14.29 -15.81
N GLU A 210 -0.42 -15.43 -15.89
CA GLU A 210 -0.62 -16.53 -14.93
C GLU A 210 -0.19 -16.10 -13.54
N GLN A 211 0.94 -15.40 -13.47
CA GLN A 211 1.44 -14.86 -12.20
C GLN A 211 0.50 -13.84 -11.61
N ALA A 212 -0.10 -13.00 -12.47
CA ALA A 212 -1.15 -12.07 -12.02
C ALA A 212 -2.39 -12.81 -11.47
N LEU A 213 -2.72 -13.93 -12.09
CA LEU A 213 -3.82 -14.75 -11.63
C LEU A 213 -3.48 -15.42 -10.28
N SER A 214 -2.19 -15.66 -10.04
CA SER A 214 -1.74 -16.23 -8.77
C SER A 214 -1.81 -15.22 -7.63
N LEU A 215 -2.25 -13.99 -7.95
CA LEU A 215 -2.48 -12.95 -6.95
C LEU A 215 -3.93 -12.45 -6.95
N GLY A 216 -4.81 -13.20 -7.60
CA GLY A 216 -6.22 -12.86 -7.61
C GLY A 216 -6.68 -11.84 -8.64
N ALA A 217 -5.76 -11.41 -9.50
CA ALA A 217 -6.08 -10.45 -10.53
C ALA A 217 -6.80 -11.13 -11.70
N LYS A 218 -7.59 -10.36 -12.43
CA LYS A 218 -8.27 -10.87 -13.63
C LYS A 218 -7.43 -10.50 -14.86
N PRO A 219 -6.89 -11.49 -15.55
CA PRO A 219 -6.18 -11.25 -16.79
C PRO A 219 -7.09 -10.64 -17.87
N ILE A 220 -6.68 -9.49 -18.39
CA ILE A 220 -7.35 -8.87 -19.53
C ILE A 220 -6.98 -9.67 -20.77
N GLU A 221 -7.97 -10.35 -21.37
CA GLU A 221 -7.74 -11.16 -22.58
C GLU A 221 -8.32 -10.50 -23.83
N LEU A 222 -7.44 -10.14 -24.76
CA LEU A 222 -7.85 -9.47 -25.98
C LEU A 222 -8.21 -10.50 -27.09
N PRO A 223 -8.86 -10.05 -28.16
CA PRO A 223 -9.25 -10.95 -29.26
C PRO A 223 -8.06 -11.72 -29.83
N ILE A 224 -6.98 -11.02 -30.15
CA ILE A 224 -5.75 -11.65 -30.61
C ILE A 224 -4.86 -11.91 -29.41
N SER A 225 -4.40 -13.14 -29.26
CA SER A 225 -3.39 -13.46 -28.25
C SER A 225 -2.06 -12.89 -28.75
N ALA A 226 -1.30 -12.29 -27.85
CA ALA A 226 -0.02 -11.66 -28.20
C ALA A 226 1.13 -12.65 -28.31
N GLU A 227 0.88 -13.90 -27.91
CA GLU A 227 1.94 -14.91 -27.84
C GLU A 227 1.62 -16.19 -28.61
N GLY A 228 2.67 -16.90 -29.01
CA GLY A 228 2.53 -18.20 -29.67
C GLY A 228 3.49 -19.23 -29.08
N GLU A 229 3.48 -20.44 -29.63
CA GLU A 229 4.34 -21.52 -29.14
C GLU A 229 5.82 -21.15 -29.26
N GLY A 230 6.61 -21.60 -28.29
CA GLY A 230 7.98 -21.12 -28.10
C GLY A 230 7.99 -19.85 -27.24
N GLY A 231 6.80 -19.32 -26.94
CA GLY A 231 6.65 -18.06 -26.22
C GLY A 231 6.91 -16.81 -27.06
N TYR A 232 7.15 -17.01 -28.35
CA TYR A 232 7.49 -15.90 -29.25
C TYR A 232 6.32 -14.94 -29.40
N ALA A 233 6.60 -13.64 -29.31
CA ALA A 233 5.57 -12.62 -29.45
C ALA A 233 5.14 -12.51 -30.92
N ARG A 234 3.83 -12.46 -31.15
CA ARG A 234 3.28 -12.37 -32.50
C ARG A 234 3.63 -11.03 -33.14
N GLU A 235 4.21 -11.08 -34.34
CA GLU A 235 4.27 -9.89 -35.18
C GLU A 235 2.85 -9.68 -35.63
N LEU A 236 2.24 -8.61 -35.13
CA LEU A 236 0.85 -8.33 -35.40
C LEU A 236 0.75 -7.53 -36.69
N THR A 237 -0.23 -7.83 -37.52
CA THR A 237 -0.51 -7.03 -38.71
C THR A 237 -0.97 -5.65 -38.25
N GLU A 238 -1.17 -4.75 -39.20
CA GLU A 238 -1.79 -3.46 -38.89
C GLU A 238 -3.25 -3.70 -38.50
N GLU A 239 -3.92 -4.58 -39.23
CA GLU A 239 -5.31 -4.94 -38.97
C GLU A 239 -5.48 -5.51 -37.58
N GLU A 240 -4.71 -6.55 -37.26
CA GLU A 240 -4.71 -7.14 -35.93
C GLU A 240 -4.37 -6.11 -34.86
N LYS A 241 -3.46 -5.20 -35.19
CA LYS A 241 -3.01 -4.16 -34.23
C LYS A 241 -4.12 -3.13 -33.94
N ARG A 242 -4.94 -2.85 -34.95
CA ARG A 242 -6.08 -1.96 -34.79
C ARG A 242 -7.12 -2.60 -33.87
N ILE A 243 -7.17 -3.92 -33.87
CA ILE A 243 -8.17 -4.65 -33.10
C ILE A 243 -7.79 -4.75 -31.62
N GLN A 244 -6.53 -5.08 -31.33
CA GLN A 244 -6.06 -5.14 -29.92
C GLN A 244 -6.27 -3.79 -29.25
N HIS A 245 -5.93 -2.74 -29.98
CA HIS A 245 -5.97 -1.38 -29.47
C HIS A 245 -7.38 -0.99 -29.08
N GLU A 246 -8.34 -1.32 -29.93
CA GLU A 246 -9.73 -0.96 -29.71
C GLU A 246 -10.35 -1.72 -28.54
N ALA A 247 -10.03 -3.02 -28.44
CA ALA A 247 -10.49 -3.82 -27.31
C ALA A 247 -9.86 -3.33 -26.00
N LEU A 248 -8.56 -3.06 -26.02
CA LEU A 248 -7.85 -2.58 -24.82
C LEU A 248 -8.35 -1.20 -24.44
N ARG A 249 -8.56 -0.36 -25.44
CA ARG A 249 -9.11 0.97 -25.21
C ARG A 249 -10.40 0.88 -24.40
N ASP A 250 -11.23 -0.10 -24.72
CA ASP A 250 -12.52 -0.29 -24.05
C ASP A 250 -12.37 -0.81 -22.63
N HIS A 251 -11.51 -1.81 -22.44
CA HIS A 251 -11.19 -2.33 -21.11
C HIS A 251 -10.63 -1.24 -20.20
N VAL A 252 -9.67 -0.49 -20.72
CA VAL A 252 -9.03 0.60 -19.98
C VAL A 252 -10.01 1.74 -19.65
N ALA A 253 -10.94 2.01 -20.57
CA ALA A 253 -11.94 3.07 -20.38
C ALA A 253 -12.83 2.82 -19.14
N GLY A 254 -13.11 1.55 -18.88
CA GLY A 254 -13.91 1.16 -17.71
C GLY A 254 -13.18 1.06 -16.36
N MET A 255 -11.93 1.52 -16.29
CA MET A 255 -11.13 1.46 -15.05
C MET A 255 -11.12 2.77 -14.29
N ASP A 256 -10.96 2.67 -12.97
CA ASP A 256 -10.81 3.84 -12.11
C ASP A 256 -9.35 4.15 -11.86
N VAL A 257 -8.49 3.14 -11.96
CA VAL A 257 -7.05 3.33 -11.78
C VAL A 257 -6.28 2.52 -12.79
N LEU A 258 -5.24 3.13 -13.37
CA LEU A 258 -4.30 2.43 -14.22
C LEU A 258 -2.91 2.60 -13.63
N ILE A 259 -2.25 1.49 -13.36
CA ILE A 259 -0.88 1.52 -12.90
C ILE A 259 -0.09 0.92 -14.03
N THR A 260 0.81 1.71 -14.61
CA THR A 260 1.57 1.27 -15.77
C THR A 260 3.05 1.14 -15.41
N THR A 261 3.62 -0.02 -15.71
CA THR A 261 4.99 -0.34 -15.25
C THR A 261 5.92 -0.84 -16.35
N ALA A 262 5.45 -0.88 -17.59
CA ALA A 262 6.19 -1.50 -18.68
C ALA A 262 7.43 -0.72 -19.07
N GLN A 263 8.59 -1.36 -18.95
CA GLN A 263 9.83 -0.80 -19.43
C GLN A 263 10.61 -1.88 -20.17
N VAL A 264 11.56 -1.45 -21.01
CA VAL A 264 12.41 -2.38 -21.75
C VAL A 264 13.86 -1.87 -21.63
N PRO A 265 14.76 -2.71 -21.11
CA PRO A 265 16.16 -2.30 -20.91
C PRO A 265 16.78 -1.67 -22.15
N GLY A 266 17.21 -0.41 -22.02
CA GLY A 266 17.89 0.29 -23.13
C GLY A 266 17.03 1.07 -24.12
N ARG A 267 15.72 1.03 -23.95
CA ARG A 267 14.79 1.74 -24.83
C ARG A 267 13.92 2.66 -23.99
N ARG A 268 13.34 3.68 -24.64
CA ARG A 268 12.34 4.52 -23.98
C ARG A 268 11.10 3.66 -23.73
N ALA A 269 10.37 3.99 -22.67
CA ALA A 269 9.19 3.22 -22.29
C ALA A 269 8.17 3.18 -23.43
N PRO A 270 7.61 2.00 -23.69
CA PRO A 270 6.58 1.86 -24.71
C PRO A 270 5.27 2.50 -24.25
N ILE A 271 4.54 3.08 -25.19
CA ILE A 271 3.29 3.73 -24.88
C ILE A 271 2.19 2.67 -24.77
N LEU A 272 1.54 2.63 -23.62
CA LEU A 272 0.39 1.73 -23.41
C LEU A 272 -0.93 2.50 -23.31
N LEU A 273 -0.84 3.78 -23.00
CA LEU A 273 -2.01 4.65 -23.00
C LEU A 273 -1.83 5.79 -23.98
N THR A 274 -2.52 5.70 -25.12
CA THR A 274 -2.42 6.71 -26.17
C THR A 274 -3.44 7.83 -25.97
N GLU A 275 -3.24 8.96 -26.66
CA GLU A 275 -4.13 10.12 -26.53
C GLU A 275 -5.59 9.72 -26.60
N ASP A 276 -5.92 8.81 -27.51
CA ASP A 276 -7.31 8.36 -27.69
C ASP A 276 -7.84 7.47 -26.56
N MET A 277 -6.92 6.73 -25.93
CA MET A 277 -7.30 5.86 -24.80
C MET A 277 -7.54 6.68 -23.54
N VAL A 278 -6.61 7.57 -23.25
CA VAL A 278 -6.74 8.52 -22.15
C VAL A 278 -8.03 9.34 -22.30
N GLU A 279 -8.27 9.79 -23.53
CA GLU A 279 -9.46 10.57 -23.86
C GLU A 279 -10.77 9.85 -23.50
N ARG A 280 -10.73 8.51 -23.46
CA ARG A 280 -11.90 7.74 -23.11
C ARG A 280 -11.91 7.31 -21.63
N LEU A 281 -11.07 7.94 -20.80
CA LEU A 281 -11.10 7.68 -19.36
C LEU A 281 -12.02 8.67 -18.71
N LYS A 282 -12.88 8.18 -17.81
CA LYS A 282 -13.81 9.05 -17.09
C LYS A 282 -13.05 10.04 -16.22
N PRO A 283 -13.62 11.23 -16.00
CA PRO A 283 -13.04 12.16 -15.04
C PRO A 283 -13.03 11.52 -13.66
N GLY A 284 -11.93 11.69 -12.94
CA GLY A 284 -11.76 11.06 -11.64
C GLY A 284 -10.78 9.89 -11.69
N THR A 285 -10.50 9.41 -12.90
CA THR A 285 -9.65 8.24 -13.09
C THR A 285 -8.25 8.63 -12.68
N VAL A 286 -7.43 7.65 -12.30
CA VAL A 286 -6.04 7.90 -11.91
C VAL A 286 -5.06 6.96 -12.64
N VAL A 287 -4.03 7.55 -13.22
CA VAL A 287 -2.97 6.80 -13.85
C VAL A 287 -1.71 7.04 -13.02
N VAL A 288 -1.10 5.96 -12.53
CA VAL A 288 0.21 6.05 -11.87
C VAL A 288 1.19 5.38 -12.80
N ASP A 289 2.01 6.19 -13.45
CA ASP A 289 2.91 5.74 -14.50
C ASP A 289 4.30 5.46 -13.95
N LEU A 290 4.59 4.19 -13.68
CA LEU A 290 5.92 3.81 -13.16
C LEU A 290 7.04 3.85 -14.19
N ALA A 291 6.68 3.79 -15.47
CA ALA A 291 7.66 3.88 -16.55
C ALA A 291 8.12 5.30 -16.90
N ALA A 292 7.70 6.28 -16.10
CA ALA A 292 8.12 7.67 -16.33
C ALA A 292 9.66 7.85 -16.33
N GLU A 293 10.37 7.10 -15.50
CA GLU A 293 11.83 7.25 -15.41
C GLU A 293 12.52 6.97 -16.74
N SER A 294 11.90 6.16 -17.60
CA SER A 294 12.40 5.95 -18.98
C SER A 294 11.44 6.43 -20.07
N GLY A 295 10.61 7.43 -19.77
CA GLY A 295 9.70 8.00 -20.79
C GLY A 295 8.21 7.98 -20.51
N GLY A 296 7.74 6.93 -19.85
CA GLY A 296 6.31 6.80 -19.51
C GLY A 296 5.44 6.03 -20.51
N ASN A 297 4.52 5.23 -19.98
CA ASN A 297 3.57 4.49 -20.84
C ASN A 297 2.36 5.34 -21.21
N CYS A 298 2.22 6.50 -20.57
CA CYS A 298 1.07 7.36 -20.77
C CYS A 298 1.51 8.68 -21.38
N VAL A 299 0.89 9.03 -22.50
CA VAL A 299 1.27 10.23 -23.25
C VAL A 299 1.12 11.53 -22.46
N LEU A 300 0.20 11.54 -21.50
CA LEU A 300 -0.01 12.71 -20.64
C LEU A 300 1.05 12.91 -19.58
N THR A 301 1.80 11.86 -19.28
CA THR A 301 2.69 11.88 -18.13
C THR A 301 3.74 12.98 -18.21
N LYS A 302 3.86 13.75 -17.13
CA LYS A 302 5.01 14.63 -16.94
C LYS A 302 5.89 14.07 -15.81
N PRO A 303 7.07 13.56 -16.17
CA PRO A 303 8.01 12.96 -15.20
C PRO A 303 8.25 13.81 -13.95
N GLY A 304 7.92 13.25 -12.79
CA GLY A 304 8.16 13.91 -11.50
C GLY A 304 6.98 14.73 -11.01
N GLU A 305 5.90 14.73 -11.77
CA GLU A 305 4.80 15.65 -11.51
C GLU A 305 3.48 14.93 -11.40
N VAL A 306 2.49 15.63 -10.85
CA VAL A 306 1.10 15.19 -10.86
C VAL A 306 0.32 16.21 -11.69
N VAL A 307 -0.08 15.82 -12.89
CA VAL A 307 -0.94 16.66 -13.73
C VAL A 307 -2.38 16.16 -13.72
N GLU A 308 -3.31 17.05 -14.03
CA GLU A 308 -4.72 16.67 -14.17
C GLU A 308 -5.26 17.29 -15.43
N VAL A 309 -5.63 16.45 -16.40
CA VAL A 309 -6.24 16.93 -17.63
C VAL A 309 -7.53 16.15 -17.91
N ARG A 310 -8.64 16.90 -18.07
CA ARG A 310 -10.00 16.33 -18.17
C ARG A 310 -10.39 15.54 -16.92
N GLY A 311 -9.91 15.99 -15.76
CA GLY A 311 -10.15 15.28 -14.52
C GLY A 311 -9.54 13.88 -14.49
N VAL A 312 -8.51 13.66 -15.31
CA VAL A 312 -7.75 12.43 -15.26
C VAL A 312 -6.44 12.80 -14.62
N ARG A 313 -6.21 12.31 -13.40
CA ARG A 313 -5.03 12.65 -12.63
C ARG A 313 -3.90 11.70 -13.00
N VAL A 314 -2.83 12.26 -13.58
CA VAL A 314 -1.73 11.45 -14.08
C VAL A 314 -0.44 11.78 -13.34
N TYR A 315 0.15 10.77 -12.73
CA TYR A 315 1.34 10.94 -11.89
C TYR A 315 2.48 10.13 -12.48
N GLY A 316 3.67 10.73 -12.54
CA GLY A 316 4.85 10.06 -13.08
C GLY A 316 6.03 10.06 -12.12
N PRO A 317 5.97 9.24 -11.07
CA PRO A 317 7.02 9.22 -10.03
C PRO A 317 8.35 8.72 -10.55
N LEU A 318 9.44 9.36 -10.16
CA LEU A 318 10.76 9.02 -10.71
C LEU A 318 11.67 8.16 -9.83
N ASN A 319 11.51 8.24 -8.51
CA ASN A 319 12.30 7.39 -7.60
C ASN A 319 11.46 6.95 -6.41
N LEU A 320 10.64 5.93 -6.65
CA LEU A 320 9.83 5.32 -5.60
C LEU A 320 10.69 4.61 -4.53
N PRO A 321 11.77 3.93 -4.92
CA PRO A 321 12.69 3.32 -3.94
C PRO A 321 13.22 4.33 -2.95
N SER A 322 13.50 5.55 -3.41
CA SER A 322 13.95 6.63 -2.56
C SER A 322 12.89 7.15 -1.57
N GLU A 323 11.62 6.92 -1.87
CA GLU A 323 10.55 7.25 -0.93
C GLU A 323 10.54 6.21 0.21
N LEU A 324 10.61 4.93 -0.15
CA LEU A 324 10.72 3.87 0.85
C LEU A 324 12.20 3.59 1.11
N SER A 325 12.95 4.65 1.43
CA SER A 325 14.40 4.62 1.50
C SER A 325 14.97 3.64 2.51
N VAL A 326 14.28 3.45 3.64
CA VAL A 326 14.80 2.59 4.68
C VAL A 326 14.80 1.13 4.20
N HIS A 327 13.66 0.67 3.73
CA HIS A 327 13.54 -0.73 3.35
C HIS A 327 14.11 -1.04 1.99
N ALA A 328 14.10 -0.03 1.10
CA ALA A 328 14.75 -0.14 -0.20
C ALA A 328 16.27 -0.22 -0.07
N SER A 329 16.82 0.62 0.81
CA SER A 329 18.26 0.62 1.08
C SER A 329 18.67 -0.69 1.72
N GLU A 330 17.89 -1.11 2.72
CA GLU A 330 18.17 -2.36 3.43
C GLU A 330 18.27 -3.56 2.46
N MET A 331 17.28 -3.71 1.60
CA MET A 331 17.29 -4.79 0.61
C MET A 331 18.45 -4.67 -0.40
N TYR A 332 18.74 -3.46 -0.85
CA TYR A 332 19.84 -3.24 -1.80
C TYR A 332 21.19 -3.56 -1.17
N ALA A 333 21.41 -3.08 0.04
CA ALA A 333 22.60 -3.39 0.81
C ALA A 333 22.83 -4.90 0.85
N LYS A 334 21.78 -5.64 1.18
CA LYS A 334 21.88 -7.10 1.29
C LYS A 334 22.19 -7.72 -0.07
N ASN A 335 21.58 -7.18 -1.11
CA ASN A 335 21.86 -7.61 -2.47
C ASN A 335 23.34 -7.48 -2.76
N LEU A 336 23.91 -6.33 -2.41
CA LEU A 336 25.31 -6.06 -2.65
C LEU A 336 26.20 -6.94 -1.75
N TYR A 337 25.79 -7.08 -0.50
CA TYR A 337 26.48 -7.95 0.46
C TYR A 337 26.56 -9.38 -0.06
N ASN A 338 25.44 -9.88 -0.59
CA ASN A 338 25.42 -11.22 -1.16
C ASN A 338 26.30 -11.29 -2.41
N LEU A 339 26.38 -10.19 -3.13
CA LEU A 339 27.23 -10.11 -4.32
C LEU A 339 28.70 -10.05 -3.93
N SER A 340 28.98 -9.47 -2.76
CA SER A 340 30.35 -9.33 -2.28
C SER A 340 30.99 -10.69 -2.02
N SER A 341 30.17 -11.74 -2.01
CA SER A 341 30.65 -13.10 -2.00
C SER A 341 31.67 -13.33 -3.11
N LEU A 342 31.35 -12.83 -4.30
CA LEU A 342 32.17 -13.06 -5.48
C LEU A 342 33.26 -12.00 -5.68
N LEU A 343 33.38 -11.09 -4.72
CA LEU A 343 34.44 -10.08 -4.76
C LEU A 343 35.37 -10.15 -3.55
N ILE A 344 34.86 -10.68 -2.43
CA ILE A 344 35.63 -10.78 -1.19
C ILE A 344 35.68 -12.22 -0.71
N GLU A 345 36.88 -12.67 -0.32
CA GLU A 345 37.08 -14.01 0.22
C GLU A 345 37.80 -13.90 1.55
N LYS A 346 37.09 -14.23 2.64
CA LYS A 346 37.68 -14.25 3.98
C LYS A 346 38.38 -12.92 4.28
N GLY A 347 37.67 -11.82 4.02
CA GLY A 347 38.21 -10.48 4.22
C GLY A 347 39.06 -9.96 3.07
N ALA A 348 39.37 -10.82 2.09
CA ALA A 348 40.33 -10.47 1.03
C ALA A 348 39.69 -10.09 -0.30
N PHE A 349 40.27 -9.09 -0.96
CA PHE A 349 39.87 -8.70 -2.31
C PHE A 349 40.07 -9.90 -3.24
N ALA A 350 38.98 -10.61 -3.53
CA ALA A 350 39.03 -11.83 -4.34
C ALA A 350 38.00 -11.81 -5.48
N PRO A 351 38.19 -10.92 -6.45
CA PRO A 351 37.32 -10.86 -7.63
C PRO A 351 37.33 -12.16 -8.41
N LYS A 352 36.20 -12.87 -8.42
CA LYS A 352 36.08 -14.10 -9.18
C LYS A 352 35.63 -13.82 -10.62
N TRP A 353 36.57 -13.33 -11.43
CA TRP A 353 36.31 -12.99 -12.85
C TRP A 353 35.75 -14.20 -13.57
N GLU A 354 36.35 -15.35 -13.30
CA GLU A 354 35.81 -16.67 -13.69
C GLU A 354 34.28 -16.85 -13.51
N ASP A 355 33.75 -16.39 -12.38
CA ASP A 355 32.35 -16.64 -12.00
C ASP A 355 31.36 -16.00 -12.97
N GLU A 356 30.36 -16.79 -13.39
CA GLU A 356 29.36 -16.31 -14.34
C GLU A 356 28.73 -14.99 -13.93
N ILE A 357 28.31 -14.88 -12.68
CA ILE A 357 27.67 -13.66 -12.19
C ILE A 357 28.55 -12.45 -12.44
N VAL A 358 29.84 -12.59 -12.17
CA VAL A 358 30.81 -11.55 -12.51
C VAL A 358 30.87 -11.37 -14.04
N ARG A 359 30.94 -12.48 -14.77
CA ARG A 359 31.10 -12.44 -16.23
C ARG A 359 29.88 -11.86 -16.97
N ALA A 360 28.68 -12.29 -16.58
CA ALA A 360 27.45 -11.79 -17.19
C ALA A 360 27.20 -10.30 -16.88
N ALA A 361 27.57 -9.89 -15.67
CA ALA A 361 27.24 -8.55 -15.18
C ALA A 361 28.38 -7.55 -15.32
N LEU A 362 29.57 -8.02 -15.64
CA LEU A 362 30.74 -7.16 -15.82
C LEU A 362 30.60 -6.31 -17.08
N LEU A 363 30.17 -5.07 -16.92
CA LEU A 363 29.98 -4.15 -18.06
C LEU A 363 31.32 -3.76 -18.68
N MET A 364 32.32 -3.59 -17.82
CA MET A 364 33.64 -3.15 -18.24
C MET A 364 34.71 -3.86 -17.44
N LYS A 365 35.88 -4.03 -18.06
CA LYS A 365 37.09 -4.45 -17.36
C LYS A 365 38.21 -3.49 -17.74
N GLU A 366 38.52 -2.56 -16.83
CA GLU A 366 39.58 -1.55 -17.05
C GLU A 366 39.44 -0.77 -18.37
N GLY A 367 38.29 -0.13 -18.56
CA GLY A 367 38.03 0.68 -19.74
C GLY A 367 37.48 -0.10 -20.94
N GLU A 368 37.67 -1.42 -20.91
CA GLU A 368 37.18 -2.28 -21.99
C GLU A 368 35.69 -2.55 -21.75
N VAL A 369 34.87 -2.34 -22.78
CA VAL A 369 33.41 -2.53 -22.67
C VAL A 369 33.04 -3.93 -23.17
N LEU A 370 32.47 -4.74 -22.28
CA LEU A 370 32.19 -6.15 -22.59
C LEU A 370 30.73 -6.43 -22.93
N HIS A 371 29.83 -5.53 -22.53
CA HIS A 371 28.41 -5.75 -22.75
C HIS A 371 28.01 -5.36 -24.16
N GLY A 372 27.50 -6.34 -24.90
CA GLY A 372 27.16 -6.17 -26.33
C GLY A 372 26.32 -4.95 -26.65
N PRO A 373 25.13 -4.86 -26.06
CA PRO A 373 24.23 -3.70 -26.25
C PRO A 373 24.80 -2.35 -25.80
N THR A 374 25.62 -2.34 -24.75
CA THR A 374 26.27 -1.13 -24.28
C THR A 374 27.27 -0.60 -25.32
N LYS A 375 27.94 -1.51 -26.03
CA LYS A 375 28.82 -1.14 -27.13
C LYS A 375 28.02 -0.47 -28.27
N ALA A 376 26.95 -1.14 -28.72
CA ALA A 376 26.09 -0.61 -29.80
C ALA A 376 25.63 0.83 -29.58
N LEU A 377 25.14 1.12 -28.38
CA LEU A 377 24.68 2.48 -28.04
C LEU A 377 25.81 3.51 -28.08
N LEU A 378 26.95 3.17 -27.50
CA LEU A 378 28.11 4.07 -27.50
C LEU A 378 29.05 3.75 -28.67
N MET B 7 -45.28 20.45 -4.50
CA MET B 7 -43.95 19.90 -4.87
C MET B 7 -42.84 20.52 -4.02
N VAL B 8 -42.17 19.69 -3.22
CA VAL B 8 -41.01 20.15 -2.44
C VAL B 8 -39.80 20.39 -3.36
N THR B 9 -39.28 21.61 -3.35
CA THR B 9 -38.05 21.95 -4.06
C THR B 9 -36.80 21.90 -3.17
N VAL B 10 -35.85 21.04 -3.52
CA VAL B 10 -34.56 20.94 -2.82
C VAL B 10 -33.51 21.69 -3.63
N ALA B 11 -32.66 22.45 -2.94
CA ALA B 11 -31.59 23.23 -3.58
C ALA B 11 -30.21 22.78 -3.12
N VAL B 12 -29.28 22.67 -4.06
CA VAL B 12 -27.92 22.22 -3.77
C VAL B 12 -26.91 23.22 -4.30
N PRO B 13 -26.10 23.79 -3.41
CA PRO B 13 -25.15 24.80 -3.78
C PRO B 13 -23.77 24.24 -4.16
N LYS B 14 -22.97 25.09 -4.80
CA LYS B 14 -21.57 24.81 -4.97
C LYS B 14 -20.87 25.18 -3.68
N GLU B 15 -20.25 24.19 -3.05
CA GLU B 15 -19.49 24.42 -1.82
C GLU B 15 -18.38 25.40 -2.13
N ARG B 16 -18.17 26.36 -1.24
CA ARG B 16 -17.22 27.44 -1.49
C ARG B 16 -16.08 27.57 -0.47
N ALA B 17 -16.18 26.86 0.65
CA ALA B 17 -15.13 26.86 1.69
C ALA B 17 -13.78 26.44 1.09
N PRO B 18 -12.69 27.01 1.61
CA PRO B 18 -11.34 26.71 1.10
C PRO B 18 -11.09 25.21 0.91
N GLY B 19 -10.76 24.81 -0.33
CA GLY B 19 -10.42 23.41 -0.63
C GLY B 19 -11.51 22.35 -0.50
N GLU B 20 -12.77 22.77 -0.34
CA GLU B 20 -13.88 21.82 -0.23
C GLU B 20 -14.29 21.37 -1.62
N ARG B 21 -14.20 20.06 -1.86
CA ARG B 21 -14.58 19.49 -3.15
C ARG B 21 -15.83 18.59 -3.12
N ARG B 22 -16.41 18.37 -1.94
CA ARG B 22 -17.63 17.56 -1.83
C ARG B 22 -18.87 18.32 -2.33
N VAL B 23 -19.92 17.58 -2.67
CA VAL B 23 -21.19 18.18 -3.06
C VAL B 23 -22.30 17.46 -2.31
N ALA B 24 -23.28 18.22 -1.83
CA ALA B 24 -24.28 17.72 -0.87
C ALA B 24 -25.14 16.60 -1.43
N LEU B 25 -25.52 16.72 -2.70
CA LEU B 25 -26.23 15.64 -3.40
C LEU B 25 -25.49 15.30 -4.69
N VAL B 26 -25.48 14.01 -5.02
CA VAL B 26 -24.89 13.56 -6.27
C VAL B 26 -26.05 13.18 -7.20
N PRO B 27 -25.82 13.20 -8.52
CA PRO B 27 -26.90 12.98 -9.49
C PRO B 27 -27.82 11.78 -9.20
N GLU B 28 -27.24 10.67 -8.75
CA GLU B 28 -28.01 9.43 -8.53
C GLU B 28 -29.00 9.54 -7.36
N VAL B 29 -28.68 10.40 -6.39
CA VAL B 29 -29.57 10.67 -5.28
C VAL B 29 -30.64 11.66 -5.72
N VAL B 30 -30.24 12.61 -6.56
CA VAL B 30 -31.16 13.59 -7.12
C VAL B 30 -32.28 12.86 -7.86
N ALA B 31 -31.91 11.88 -8.67
CA ALA B 31 -32.88 11.07 -9.42
C ALA B 31 -33.87 10.29 -8.54
N ARG B 32 -33.44 9.90 -7.34
CA ARG B 32 -34.33 9.23 -6.38
C ARG B 32 -35.34 10.23 -5.82
N LEU B 33 -34.89 11.44 -5.54
CA LEU B 33 -35.78 12.49 -5.04
C LEU B 33 -36.79 12.93 -6.10
N VAL B 34 -36.31 13.25 -7.30
CA VAL B 34 -37.16 13.65 -8.43
C VAL B 34 -38.22 12.60 -8.72
N LYS B 35 -37.80 11.34 -8.77
CA LYS B 35 -38.71 10.21 -8.93
C LYS B 35 -39.74 10.10 -7.79
N GLY B 36 -39.34 10.51 -6.59
CA GLY B 36 -40.23 10.53 -5.43
C GLY B 36 -41.12 11.76 -5.35
N GLY B 37 -41.04 12.63 -6.36
CA GLY B 37 -41.93 13.79 -6.48
C GLY B 37 -41.32 15.17 -6.22
N ALA B 38 -40.07 15.20 -5.77
CA ALA B 38 -39.42 16.47 -5.42
C ALA B 38 -38.72 17.16 -6.61
N ARG B 39 -38.82 18.48 -6.68
CA ARG B 39 -38.06 19.26 -7.66
C ARG B 39 -36.67 19.47 -7.08
N VAL B 40 -35.68 19.64 -7.95
CA VAL B 40 -34.27 19.81 -7.51
C VAL B 40 -33.54 20.85 -8.33
N ARG B 41 -32.98 21.85 -7.64
CA ARG B 41 -32.17 22.87 -8.29
C ARG B 41 -30.73 22.71 -7.82
N VAL B 42 -29.80 22.81 -8.77
CA VAL B 42 -28.37 22.58 -8.47
C VAL B 42 -27.55 23.69 -9.12
N GLU B 43 -26.71 24.35 -8.32
CA GLU B 43 -25.88 25.44 -8.84
C GLU B 43 -24.96 24.97 -9.97
N ARG B 44 -24.88 25.79 -11.01
CA ARG B 44 -23.97 25.55 -12.12
C ARG B 44 -22.56 25.19 -11.61
N GLY B 45 -22.15 23.96 -11.86
CA GLY B 45 -20.79 23.50 -11.53
C GLY B 45 -20.60 22.99 -10.11
N ALA B 46 -21.70 22.66 -9.44
CA ALA B 46 -21.66 22.29 -8.03
C ALA B 46 -20.91 20.99 -7.77
N GLY B 47 -21.05 20.04 -8.69
CA GLY B 47 -20.49 18.71 -8.51
C GLY B 47 -19.16 18.44 -9.20
N GLU B 48 -18.46 19.50 -9.58
CA GLU B 48 -17.22 19.38 -10.35
C GLU B 48 -16.05 18.93 -9.46
N GLY B 49 -16.10 19.28 -8.18
CA GLY B 49 -15.13 18.76 -7.20
C GLY B 49 -15.23 17.25 -7.01
N ALA B 50 -16.44 16.70 -7.17
CA ALA B 50 -16.67 15.26 -7.11
C ALA B 50 -16.94 14.63 -8.47
N TYR B 51 -16.61 15.36 -9.53
CA TYR B 51 -16.64 14.83 -10.92
C TYR B 51 -18.05 14.46 -11.42
N HIS B 52 -19.03 15.26 -11.02
CA HIS B 52 -20.38 15.18 -11.58
C HIS B 52 -20.64 16.48 -12.36
N PRO B 53 -20.61 16.41 -13.69
CA PRO B 53 -20.78 17.59 -14.51
C PRO B 53 -22.25 17.99 -14.61
N ASP B 54 -22.52 19.22 -15.02
CA ASP B 54 -23.87 19.75 -15.08
C ASP B 54 -24.87 18.83 -15.80
N GLU B 55 -24.48 18.34 -16.97
CA GLU B 55 -25.35 17.43 -17.75
C GLU B 55 -25.82 16.19 -16.97
N ALA B 56 -25.01 15.72 -16.01
CA ALA B 56 -25.37 14.55 -15.19
C ALA B 56 -26.54 14.85 -14.24
N TYR B 57 -26.52 16.05 -13.66
CA TYR B 57 -27.62 16.51 -12.82
C TYR B 57 -28.87 16.77 -13.66
N GLN B 58 -28.67 17.26 -14.89
CA GLN B 58 -29.77 17.48 -15.83
C GLN B 58 -30.41 16.16 -16.25
N GLU B 59 -29.58 15.15 -16.52
CA GLU B 59 -30.07 13.82 -16.86
C GLU B 59 -30.85 13.16 -15.73
N ALA B 60 -30.64 13.63 -14.50
CA ALA B 60 -31.31 13.08 -13.32
C ALA B 60 -32.64 13.76 -13.05
N GLY B 61 -32.93 14.82 -13.79
CA GLY B 61 -34.23 15.50 -13.71
C GLY B 61 -34.22 16.81 -12.94
N ALA B 62 -33.02 17.29 -12.57
CA ALA B 62 -32.89 18.52 -11.82
C ALA B 62 -32.65 19.71 -12.74
N GLU B 63 -32.98 20.89 -12.25
CA GLU B 63 -32.75 22.12 -12.99
C GLU B 63 -31.41 22.70 -12.58
N VAL B 64 -30.51 22.82 -13.56
CA VAL B 64 -29.19 23.39 -13.30
C VAL B 64 -29.31 24.89 -13.50
N VAL B 65 -29.06 25.65 -12.44
CA VAL B 65 -29.32 27.10 -12.41
C VAL B 65 -28.10 27.91 -11.96
N GLU B 66 -28.19 29.22 -12.12
CA GLU B 66 -27.15 30.14 -11.67
C GLU B 66 -27.33 30.35 -10.15
N ARG B 67 -26.22 30.58 -9.45
CA ARG B 67 -26.24 30.67 -7.97
C ARG B 67 -27.31 31.62 -7.41
N GLY B 68 -27.38 32.82 -7.98
CA GLY B 68 -28.37 33.82 -7.55
C GLY B 68 -29.82 33.34 -7.72
N GLU B 69 -30.01 32.42 -8.66
CA GLU B 69 -31.32 31.81 -8.89
C GLU B 69 -31.62 30.63 -7.93
N LEU B 70 -30.56 30.01 -7.39
CA LEU B 70 -30.66 28.73 -6.67
C LEU B 70 -31.79 28.62 -5.62
N LEU B 71 -32.08 29.71 -4.93
CA LEU B 71 -32.99 29.67 -3.78
C LEU B 71 -34.38 30.28 -4.02
N LYS B 72 -34.76 30.42 -5.29
CA LYS B 72 -36.11 30.90 -5.64
C LYS B 72 -37.10 29.73 -5.56
N GLY B 73 -37.95 29.76 -4.53
CA GLY B 73 -39.00 28.75 -4.36
C GLY B 73 -38.60 27.51 -3.57
N ALA B 74 -37.31 27.41 -3.21
CA ALA B 74 -36.78 26.24 -2.52
C ALA B 74 -37.14 26.20 -1.04
N HIS B 75 -37.65 25.04 -0.59
CA HIS B 75 -37.95 24.82 0.82
C HIS B 75 -36.74 24.28 1.58
N LEU B 76 -35.94 23.46 0.91
CA LEU B 76 -34.81 22.78 1.52
C LEU B 76 -33.49 23.14 0.84
N LEU B 77 -32.52 23.60 1.64
CA LEU B 77 -31.17 23.88 1.15
C LEU B 77 -30.21 22.87 1.78
N PHE B 78 -29.66 21.98 0.95
CA PHE B 78 -28.76 20.93 1.42
C PHE B 78 -27.32 21.35 1.17
N THR B 79 -26.56 21.51 2.25
CA THR B 79 -25.17 21.93 2.15
C THR B 79 -24.25 20.91 2.80
N VAL B 80 -22.98 20.92 2.38
CA VAL B 80 -21.96 20.12 3.04
C VAL B 80 -21.47 20.93 4.24
N GLN B 81 -20.76 22.02 3.97
CA GLN B 81 -20.36 22.97 4.99
C GLN B 81 -21.39 24.10 5.03
N PRO B 82 -21.48 24.82 6.16
CA PRO B 82 -22.54 25.82 6.34
C PRO B 82 -22.66 26.80 5.17
N PRO B 83 -23.86 27.32 4.95
CA PRO B 83 -24.09 28.26 3.86
C PRO B 83 -23.39 29.60 4.09
N PRO B 84 -22.66 30.09 3.07
CA PRO B 84 -22.16 31.46 3.11
C PRO B 84 -23.30 32.50 3.09
N GLU B 85 -22.96 33.76 3.38
CA GLU B 85 -23.97 34.79 3.57
C GLU B 85 -24.82 35.05 2.32
N ASP B 86 -24.19 35.05 1.14
CA ASP B 86 -24.94 35.24 -0.12
C ASP B 86 -26.09 34.23 -0.28
N LEU B 87 -25.88 33.00 0.21
CA LEU B 87 -26.93 31.99 0.25
C LEU B 87 -27.88 32.21 1.44
N ILE B 88 -27.31 32.59 2.59
CA ILE B 88 -28.11 32.85 3.79
C ILE B 88 -29.19 33.90 3.51
N GLN B 89 -28.80 34.97 2.83
CA GLN B 89 -29.71 36.08 2.52
C GLN B 89 -30.82 35.72 1.53
N ALA B 90 -30.52 34.83 0.58
CA ALA B 90 -31.50 34.46 -0.46
C ALA B 90 -32.55 33.44 0.00
N LEU B 91 -32.52 33.07 1.27
CA LEU B 91 -33.45 32.07 1.80
C LEU B 91 -34.89 32.59 1.91
N GLU B 92 -35.83 31.74 1.53
CA GLU B 92 -37.25 32.01 1.71
C GLU B 92 -37.65 31.72 3.15
N PRO B 93 -38.73 32.35 3.63
CA PRO B 93 -39.36 31.95 4.88
C PRO B 93 -39.98 30.55 4.75
N GLY B 94 -39.87 29.76 5.81
CA GLY B 94 -40.34 28.38 5.81
C GLY B 94 -39.27 27.39 5.41
N ALA B 95 -38.18 27.89 4.80
CA ALA B 95 -37.10 27.02 4.29
C ALA B 95 -36.19 26.50 5.39
N ILE B 96 -35.63 25.31 5.19
CA ILE B 96 -34.75 24.69 6.17
C ILE B 96 -33.40 24.30 5.58
N VAL B 97 -32.33 24.83 6.19
CA VAL B 97 -30.96 24.49 5.79
C VAL B 97 -30.55 23.17 6.44
N VAL B 98 -29.95 22.29 5.65
CA VAL B 98 -29.55 20.97 6.16
C VAL B 98 -28.09 20.73 5.79
N GLY B 99 -27.23 20.63 6.82
CA GLY B 99 -25.81 20.40 6.61
C GLY B 99 -25.00 20.44 7.89
N PHE B 100 -23.68 20.30 7.76
CA PHE B 100 -22.79 20.52 8.89
C PHE B 100 -22.82 22.00 9.22
N VAL B 101 -22.77 22.32 10.50
CA VAL B 101 -22.76 23.71 10.94
C VAL B 101 -21.52 23.99 11.77
N GLN B 102 -21.34 23.21 12.84
CA GLN B 102 -20.22 23.38 13.79
C GLN B 102 -19.85 24.84 14.03
N PRO B 103 -20.56 25.50 14.92
CA PRO B 103 -20.35 26.92 15.25
C PRO B 103 -18.91 27.44 15.39
N HIS B 104 -17.97 26.58 15.73
CA HIS B 104 -16.61 27.02 16.08
C HIS B 104 -15.82 27.51 14.88
N LYS B 105 -15.91 26.80 13.76
CA LYS B 105 -15.28 27.25 12.51
C LYS B 105 -16.09 28.36 11.81
N ASN B 106 -17.37 28.48 12.17
CA ASN B 106 -18.30 29.32 11.42
C ASN B 106 -19.27 30.14 12.26
N LEU B 107 -18.85 30.53 13.46
CA LEU B 107 -19.73 31.22 14.40
C LEU B 107 -20.45 32.39 13.75
N GLU B 108 -19.72 33.15 12.93
CA GLU B 108 -20.26 34.35 12.31
C GLU B 108 -21.29 34.02 11.21
N LEU B 109 -21.20 32.82 10.62
CA LEU B 109 -22.22 32.35 9.68
C LEU B 109 -23.46 31.81 10.41
N VAL B 110 -23.24 31.21 11.58
CA VAL B 110 -24.34 30.75 12.43
C VAL B 110 -25.08 31.96 12.99
N ARG B 111 -24.31 32.90 13.52
CA ARG B 111 -24.83 34.19 13.96
C ARG B 111 -25.67 34.83 12.82
N ALA B 112 -25.17 34.73 11.59
CA ALA B 112 -25.86 35.29 10.43
C ALA B 112 -27.18 34.56 10.14
N LEU B 113 -27.22 33.26 10.42
CA LEU B 113 -28.44 32.47 10.18
C LEU B 113 -29.58 32.82 11.12
N GLN B 114 -29.27 32.99 12.40
CA GLN B 114 -30.29 33.36 13.40
C GLN B 114 -30.88 34.74 13.10
N ALA B 115 -30.01 35.67 12.66
CA ALA B 115 -30.44 36.99 12.24
C ALA B 115 -31.46 36.94 11.11
N LYS B 116 -31.18 36.13 10.09
CA LYS B 116 -32.10 35.95 8.96
C LYS B 116 -33.36 35.16 9.38
N LYS B 117 -33.36 34.65 10.62
CA LYS B 117 -34.50 33.92 11.18
C LYS B 117 -34.75 32.62 10.43
N ALA B 118 -33.67 31.98 9.99
CA ALA B 118 -33.74 30.72 9.24
C ALA B 118 -33.84 29.51 10.16
N THR B 119 -34.08 28.35 9.55
CA THR B 119 -34.27 27.11 10.30
C THR B 119 -33.20 26.15 9.80
N VAL B 120 -32.38 25.62 10.71
CA VAL B 120 -31.29 24.74 10.31
C VAL B 120 -31.12 23.48 11.16
N ILE B 121 -30.90 22.37 10.47
CA ILE B 121 -30.59 21.10 11.11
C ILE B 121 -29.09 20.87 10.97
N ALA B 122 -28.40 20.75 12.10
CA ALA B 122 -26.95 20.53 12.11
C ALA B 122 -26.67 19.03 12.05
N MET B 123 -25.93 18.61 11.03
CA MET B 123 -25.66 17.18 10.83
C MET B 123 -24.74 16.54 11.88
N GLU B 124 -23.95 17.36 12.57
CA GLU B 124 -23.14 16.86 13.69
C GLU B 124 -23.96 16.61 14.96
N LEU B 125 -25.20 17.11 14.97
CA LEU B 125 -26.13 16.84 16.09
C LEU B 125 -27.05 15.64 15.86
N ILE B 126 -26.66 14.74 14.97
CA ILE B 126 -27.35 13.46 14.81
C ILE B 126 -26.88 12.60 15.97
N PRO B 127 -27.80 11.95 16.68
CA PRO B 127 -27.42 11.07 17.79
C PRO B 127 -26.65 9.84 17.32
N ARG B 128 -25.62 9.47 18.07
CA ARG B 128 -24.72 8.38 17.66
C ARG B 128 -25.26 7.01 18.11
N ILE B 129 -26.38 6.61 17.50
CA ILE B 129 -27.05 5.33 17.82
C ILE B 129 -27.34 4.56 16.55
N THR B 130 -27.48 3.24 16.69
CA THR B 130 -27.71 2.36 15.56
C THR B 130 -28.90 2.81 14.68
N ARG B 131 -29.98 3.24 15.32
CA ARG B 131 -31.18 3.69 14.61
C ARG B 131 -30.88 4.77 13.58
N ALA B 132 -29.91 5.63 13.88
CA ALA B 132 -29.65 6.82 13.07
C ALA B 132 -28.54 6.69 12.03
N GLN B 133 -27.88 5.53 11.98
CA GLN B 133 -26.65 5.38 11.19
C GLN B 133 -26.77 5.59 9.68
N SER B 134 -27.96 5.39 9.13
CA SER B 134 -28.20 5.70 7.71
C SER B 134 -28.10 7.20 7.44
N MET B 135 -28.39 8.01 8.47
CA MET B 135 -28.36 9.47 8.35
C MET B 135 -27.06 10.07 8.88
N ASP B 136 -26.24 9.25 9.53
CA ASP B 136 -25.10 9.76 10.29
C ASP B 136 -23.95 10.20 9.36
N ALA B 137 -23.89 11.51 9.12
CA ALA B 137 -22.84 12.08 8.28
C ALA B 137 -21.47 12.07 8.95
N LEU B 138 -21.44 12.15 10.27
CA LEU B 138 -20.17 12.04 11.01
C LEU B 138 -19.54 10.67 10.80
N SER B 139 -20.34 9.61 10.93
CA SER B 139 -19.85 8.25 10.75
C SER B 139 -19.27 8.04 9.36
N SER B 140 -20.04 8.39 8.34
CA SER B 140 -19.64 8.16 6.95
C SER B 140 -18.36 8.91 6.63
N GLN B 141 -18.31 10.18 7.01
CA GLN B 141 -17.18 11.01 6.64
C GLN B 141 -15.91 10.70 7.44
N ALA B 142 -16.09 10.17 8.66
CA ALA B 142 -14.97 9.73 9.50
C ALA B 142 -14.38 8.43 8.95
N THR B 143 -15.25 7.55 8.45
CA THR B 143 -14.80 6.35 7.78
C THR B 143 -13.85 6.74 6.62
N VAL B 144 -14.26 7.72 5.83
CA VAL B 144 -13.43 8.21 4.75
C VAL B 144 -12.09 8.70 5.31
N ALA B 145 -12.15 9.44 6.39
CA ALA B 145 -10.96 10.05 6.98
C ALA B 145 -10.01 8.97 7.50
N GLY B 146 -10.54 7.97 8.19
CA GLY B 146 -9.75 6.88 8.72
C GLY B 146 -9.06 6.06 7.63
N TYR B 147 -9.78 5.81 6.55
CA TYR B 147 -9.23 5.12 5.39
C TYR B 147 -8.04 5.88 4.82
N LEU B 148 -8.25 7.15 4.50
CA LEU B 148 -7.19 7.99 3.93
C LEU B 148 -6.01 8.24 4.90
N ALA B 149 -6.26 8.15 6.20
CA ALA B 149 -5.21 8.32 7.20
C ALA B 149 -4.16 7.22 7.04
N ALA B 150 -4.63 5.97 6.97
CA ALA B 150 -3.76 4.82 6.84
C ALA B 150 -3.01 4.91 5.52
N ILE B 151 -3.73 5.27 4.47
CA ILE B 151 -3.14 5.42 3.14
C ILE B 151 -2.00 6.41 3.16
N HIS B 152 -2.21 7.54 3.82
CA HIS B 152 -1.17 8.57 3.96
C HIS B 152 -0.01 8.12 4.83
N ALA B 153 -0.33 7.38 5.88
CA ALA B 153 0.70 6.86 6.77
C ALA B 153 1.66 6.00 5.95
N ALA B 154 1.10 5.14 5.11
CA ALA B 154 1.89 4.25 4.28
C ALA B 154 2.72 5.03 3.27
N ARG B 155 2.15 6.11 2.71
CA ARG B 155 2.84 6.93 1.73
C ARG B 155 4.03 7.65 2.37
N LEU B 156 3.85 8.13 3.58
CA LEU B 156 4.87 8.91 4.26
C LEU B 156 5.96 8.05 4.92
N SER B 157 5.65 6.80 5.21
CA SER B 157 6.60 5.91 5.87
C SER B 157 7.69 5.48 4.88
N PRO B 158 8.94 5.46 5.33
CA PRO B 158 10.03 4.95 4.52
C PRO B 158 10.14 3.43 4.62
N ARG B 159 9.19 2.81 5.30
CA ARG B 159 9.17 1.36 5.49
C ARG B 159 7.89 0.76 4.94
N PHE B 160 7.99 -0.45 4.40
CA PHE B 160 6.85 -1.32 4.13
C PHE B 160 5.89 -1.46 5.31
N PHE B 161 4.59 -1.48 5.03
CA PHE B 161 3.62 -1.94 6.03
C PHE B 161 3.63 -3.46 6.22
N PRO B 162 3.54 -4.22 5.13
CA PRO B 162 3.42 -5.68 5.27
C PRO B 162 4.72 -6.43 5.54
N MET B 163 4.60 -7.60 6.14
CA MET B 163 5.70 -8.52 6.23
C MET B 163 5.97 -9.11 4.84
N LEU B 164 7.25 -9.17 4.46
CA LEU B 164 7.66 -9.76 3.17
C LEU B 164 8.90 -10.61 3.34
N THR B 165 8.80 -11.89 2.97
CA THR B 165 9.94 -12.80 3.02
C THR B 165 10.53 -12.88 1.62
N THR B 166 11.71 -12.30 1.43
CA THR B 166 12.33 -12.17 0.11
C THR B 166 13.74 -12.68 0.10
N ALA B 167 14.30 -12.88 -1.10
CA ALA B 167 15.69 -13.32 -1.26
C ALA B 167 16.67 -12.33 -0.64
N ALA B 168 16.31 -11.04 -0.68
CA ALA B 168 17.08 -9.98 -0.05
C ALA B 168 16.66 -9.73 1.41
N GLY B 169 16.37 -10.81 2.14
CA GLY B 169 15.99 -10.68 3.55
C GLY B 169 14.49 -10.61 3.85
N THR B 170 14.17 -10.62 5.14
CA THR B 170 12.79 -10.63 5.60
C THR B 170 12.38 -9.27 6.14
N ILE B 171 11.41 -8.64 5.48
CA ILE B 171 10.90 -7.36 5.91
C ILE B 171 9.86 -7.63 6.99
N ARG B 172 10.03 -7.03 8.15
CA ARG B 172 9.06 -7.17 9.24
C ARG B 172 7.92 -6.15 9.05
N PRO B 173 6.74 -6.45 9.58
CA PRO B 173 5.61 -5.56 9.41
C PRO B 173 5.77 -4.28 10.21
N ALA B 174 5.15 -3.21 9.73
CA ALA B 174 5.14 -1.95 10.43
C ALA B 174 4.26 -2.09 11.66
N LYS B 175 4.75 -1.57 12.78
CA LYS B 175 3.96 -1.50 14.00
C LYS B 175 3.21 -0.17 13.98
N VAL B 176 1.89 -0.26 13.83
CA VAL B 176 1.04 0.93 13.69
C VAL B 176 0.12 1.04 14.89
N MET B 177 0.16 2.19 15.57
CA MET B 177 -0.73 2.43 16.72
C MET B 177 -1.76 3.51 16.38
N VAL B 178 -3.02 3.14 16.46
CA VAL B 178 -4.13 4.06 16.21
C VAL B 178 -4.61 4.54 17.57
N MET B 179 -4.31 5.79 17.88
CA MET B 179 -4.64 6.35 19.20
C MET B 179 -5.91 7.16 19.03
N GLY B 180 -6.98 6.70 19.67
CA GLY B 180 -8.31 7.25 19.46
C GLY B 180 -9.03 6.38 18.46
N VAL B 181 -9.80 5.40 18.95
CA VAL B 181 -10.50 4.46 18.07
C VAL B 181 -12.00 4.67 18.02
N GLY B 182 -12.41 5.72 17.30
CA GLY B 182 -13.81 5.94 16.96
C GLY B 182 -14.01 5.40 15.56
N VAL B 183 -14.98 5.95 14.83
CA VAL B 183 -15.26 5.49 13.46
C VAL B 183 -14.03 5.66 12.56
N ALA B 184 -13.38 6.82 12.64
CA ALA B 184 -12.17 7.05 11.86
C ALA B 184 -11.10 6.05 12.22
N GLY B 185 -10.79 5.98 13.52
CA GLY B 185 -9.73 5.10 14.00
C GLY B 185 -9.91 3.66 13.61
N LEU B 186 -11.10 3.12 13.83
CA LEU B 186 -11.39 1.72 13.49
C LEU B 186 -11.19 1.42 12.01
N MET B 187 -11.58 2.36 11.16
CA MET B 187 -11.37 2.21 9.74
C MET B 187 -9.87 2.32 9.41
N ALA B 188 -9.15 3.12 10.20
CA ALA B 188 -7.69 3.21 10.06
C ALA B 188 -7.02 1.91 10.48
N ILE B 189 -7.58 1.24 11.48
CA ILE B 189 -7.10 -0.08 11.86
C ILE B 189 -7.32 -1.06 10.72
N ALA B 190 -8.54 -1.11 10.19
CA ALA B 190 -8.88 -2.07 9.14
C ALA B 190 -8.01 -1.91 7.90
N THR B 191 -7.77 -0.66 7.50
CA THR B 191 -6.93 -0.37 6.34
C THR B 191 -5.41 -0.65 6.55
N ALA B 192 -4.88 -0.27 7.71
CA ALA B 192 -3.50 -0.63 8.08
C ALA B 192 -3.34 -2.14 8.15
N LYS B 193 -4.41 -2.82 8.55
CA LYS B 193 -4.40 -4.27 8.67
C LYS B 193 -4.44 -4.91 7.29
N ARG B 194 -5.30 -4.36 6.42
CA ARG B 194 -5.36 -4.79 5.04
C ARG B 194 -3.97 -4.72 4.41
N LEU B 195 -3.22 -3.69 4.75
CA LEU B 195 -1.87 -3.50 4.23
C LEU B 195 -0.76 -4.34 4.91
N GLY B 196 -1.13 -5.13 5.91
CA GLY B 196 -0.22 -6.09 6.50
C GLY B 196 0.49 -5.63 7.76
N ALA B 197 0.11 -4.46 8.26
CA ALA B 197 0.74 -3.92 9.44
C ALA B 197 0.27 -4.65 10.71
N GLN B 198 1.13 -4.67 11.72
CA GLN B 198 0.71 -5.06 13.06
C GLN B 198 0.14 -3.81 13.71
N VAL B 199 -1.13 -3.87 14.07
CA VAL B 199 -1.85 -2.69 14.56
C VAL B 199 -2.14 -2.78 16.05
N PHE B 200 -1.97 -1.63 16.73
CA PHE B 200 -2.25 -1.51 18.15
C PHE B 200 -3.29 -0.39 18.29
N ALA B 201 -4.05 -0.45 19.38
CA ALA B 201 -5.20 0.44 19.51
C ALA B 201 -5.31 1.00 20.92
N TYR B 202 -5.33 2.32 21.02
CA TYR B 202 -5.50 2.97 22.32
C TYR B 202 -6.73 3.88 22.32
N ASP B 203 -7.51 3.76 23.39
CA ASP B 203 -8.66 4.61 23.62
C ASP B 203 -8.92 4.58 25.10
N VAL B 204 -9.65 5.58 25.59
CA VAL B 204 -10.00 5.65 27.00
C VAL B 204 -11.25 4.84 27.31
N ARG B 205 -11.90 4.32 26.28
CA ARG B 205 -13.15 3.61 26.44
C ARG B 205 -12.98 2.15 26.07
N LYS B 206 -13.43 1.27 26.96
CA LYS B 206 -13.21 -0.17 26.78
C LYS B 206 -13.97 -0.71 25.57
N ALA B 207 -15.09 -0.07 25.23
CA ALA B 207 -15.89 -0.48 24.08
C ALA B 207 -15.07 -0.33 22.81
N ALA B 208 -14.48 0.85 22.63
CA ALA B 208 -13.57 1.09 21.52
C ALA B 208 -12.44 0.06 21.45
N LEU B 209 -11.92 -0.32 22.61
CA LEU B 209 -10.87 -1.35 22.70
C LEU B 209 -11.35 -2.72 22.26
N GLU B 210 -12.57 -3.09 22.65
CA GLU B 210 -13.16 -4.38 22.25
C GLU B 210 -13.47 -4.39 20.75
N GLN B 211 -13.93 -3.26 20.23
CA GLN B 211 -14.14 -3.10 18.80
C GLN B 211 -12.84 -3.27 18.03
N ALA B 212 -11.75 -2.75 18.60
CA ALA B 212 -10.43 -2.80 17.96
C ALA B 212 -9.83 -4.21 18.00
N LEU B 213 -10.03 -4.91 19.11
CA LEU B 213 -9.64 -6.31 19.22
C LEU B 213 -10.35 -7.09 18.13
N SER B 214 -11.65 -6.83 17.98
CA SER B 214 -12.47 -7.53 17.00
C SER B 214 -12.00 -7.35 15.55
N LEU B 215 -11.35 -6.21 15.27
CA LEU B 215 -10.74 -5.98 13.96
C LEU B 215 -9.30 -6.49 13.88
N GLY B 216 -8.79 -7.02 14.98
CA GLY B 216 -7.48 -7.69 14.99
C GLY B 216 -6.32 -6.85 15.48
N ALA B 217 -6.61 -5.72 16.14
CA ALA B 217 -5.59 -4.90 16.76
C ALA B 217 -5.33 -5.36 18.21
N LYS B 218 -4.11 -5.17 18.69
CA LYS B 218 -3.80 -5.43 20.09
C LYS B 218 -4.13 -4.19 20.92
N PRO B 219 -5.12 -4.30 21.82
CA PRO B 219 -5.52 -3.18 22.69
C PRO B 219 -4.41 -2.80 23.66
N ILE B 220 -4.24 -1.50 23.88
CA ILE B 220 -3.17 -1.00 24.74
C ILE B 220 -3.60 -1.05 26.19
N GLU B 221 -2.62 -1.18 27.07
CA GLU B 221 -2.82 -1.68 28.44
C GLU B 221 -3.58 -0.75 29.44
N LEU B 222 -4.46 0.11 28.94
CA LEU B 222 -5.46 0.78 29.79
C LEU B 222 -4.71 1.66 30.85
N PRO B 223 -5.22 1.82 32.08
CA PRO B 223 -6.59 1.59 32.53
C PRO B 223 -7.32 2.84 33.05
N ILE B 224 -8.17 3.41 32.19
CA ILE B 224 -9.05 4.53 32.57
C ILE B 224 -10.37 4.31 31.84
N SER B 225 -11.48 4.82 32.38
CA SER B 225 -12.79 4.67 31.73
C SER B 225 -13.24 5.94 30.99
N ALA B 226 -13.16 7.08 31.68
CA ALA B 226 -13.29 8.41 31.03
C ALA B 226 -14.39 8.61 29.98
N GLU B 227 -15.63 8.29 30.34
CA GLU B 227 -16.80 8.58 29.49
C GLU B 227 -17.74 9.49 30.28
N GLY B 228 -18.62 10.23 29.59
CA GLY B 228 -18.72 10.20 28.13
C GLY B 228 -19.64 11.29 27.61
N ALA B 233 -12.69 14.25 28.95
CA ALA B 233 -11.46 14.13 29.74
C ALA B 233 -11.75 13.68 31.18
N ARG B 234 -12.86 12.99 31.38
CA ARG B 234 -13.37 12.68 32.73
C ARG B 234 -12.35 12.05 33.71
N GLU B 235 -12.26 10.72 33.73
CA GLU B 235 -11.25 10.04 34.55
C GLU B 235 -9.86 10.20 33.93
N LEU B 236 -9.84 10.66 32.67
CA LEU B 236 -8.58 11.01 31.99
C LEU B 236 -7.81 12.02 32.85
N THR B 237 -8.46 13.12 33.22
CA THR B 237 -7.82 14.13 34.07
C THR B 237 -8.01 13.87 35.58
N GLU B 238 -8.51 12.68 35.94
CA GLU B 238 -8.41 12.21 37.32
C GLU B 238 -6.94 11.87 37.54
N GLU B 239 -6.35 12.44 38.59
CA GLU B 239 -4.90 12.48 38.76
C GLU B 239 -4.25 13.25 37.61
N GLU B 240 -5.05 14.07 36.94
CA GLU B 240 -4.64 14.81 35.74
C GLU B 240 -3.76 14.00 34.78
N LYS B 241 -4.37 12.99 34.16
CA LYS B 241 -3.81 12.31 32.97
C LYS B 241 -2.30 12.04 32.92
N ARG B 242 -1.67 11.97 34.09
CA ARG B 242 -0.26 11.58 34.18
C ARG B 242 -0.16 10.10 33.86
N ILE B 243 -1.26 9.38 34.09
CA ILE B 243 -1.33 7.94 33.79
C ILE B 243 -1.21 7.73 32.29
N GLN B 244 -2.05 8.44 31.53
CA GLN B 244 -2.02 8.38 30.07
C GLN B 244 -0.61 8.65 29.58
N HIS B 245 -0.06 9.78 30.00
CA HIS B 245 1.29 10.16 29.60
C HIS B 245 2.35 9.10 29.99
N GLU B 246 2.33 8.69 31.25
CA GLU B 246 3.30 7.73 31.77
C GLU B 246 3.39 6.46 30.93
N ALA B 247 2.28 5.73 30.88
CA ALA B 247 2.26 4.39 30.25
C ALA B 247 2.68 4.39 28.78
N LEU B 248 1.89 5.04 27.94
CA LEU B 248 2.12 4.96 26.48
C LEU B 248 3.46 5.56 26.03
N ARG B 249 4.10 6.35 26.88
CA ARG B 249 5.48 6.80 26.64
C ARG B 249 6.42 5.60 26.37
N ASP B 250 6.05 4.42 26.88
CA ASP B 250 6.77 3.18 26.59
C ASP B 250 6.23 2.45 25.34
N HIS B 251 4.90 2.36 25.25
CA HIS B 251 4.26 1.64 24.14
C HIS B 251 4.35 2.38 22.80
N VAL B 252 4.58 3.69 22.86
CA VAL B 252 4.67 4.52 21.66
C VAL B 252 6.04 4.40 20.95
N ALA B 253 7.10 4.16 21.72
CA ALA B 253 8.47 4.21 21.20
C ALA B 253 8.77 3.13 20.17
N GLY B 254 8.18 1.95 20.33
CA GLY B 254 8.35 0.89 19.37
C GLY B 254 7.71 1.19 18.00
N MET B 255 6.72 2.08 17.98
CA MET B 255 5.86 2.24 16.82
C MET B 255 6.52 2.90 15.61
N ASP B 256 6.20 2.41 14.43
CA ASP B 256 6.68 3.00 13.19
C ASP B 256 5.73 4.07 12.71
N VAL B 257 4.46 3.95 13.11
CA VAL B 257 3.42 4.87 12.67
C VAL B 257 2.46 5.15 13.82
N LEU B 258 2.13 6.42 14.03
CA LEU B 258 1.08 6.79 14.96
C LEU B 258 -0.03 7.54 14.23
N ILE B 259 -1.23 6.98 14.25
CA ILE B 259 -2.40 7.63 13.67
C ILE B 259 -3.27 8.07 14.83
N THR B 260 -3.41 9.39 14.99
CA THR B 260 -4.14 9.95 16.14
C THR B 260 -5.46 10.59 15.71
N THR B 261 -6.56 10.25 16.41
CA THR B 261 -7.88 10.79 16.08
C THR B 261 -8.74 11.26 17.26
N ALA B 262 -8.19 11.16 18.47
CA ALA B 262 -8.92 11.51 19.69
C ALA B 262 -9.52 12.90 19.63
N GLN B 263 -10.81 13.01 19.90
CA GLN B 263 -11.48 14.32 19.96
C GLN B 263 -12.58 14.31 21.04
N VAL B 264 -12.80 15.48 21.65
CA VAL B 264 -13.88 15.66 22.63
C VAL B 264 -14.78 16.78 22.12
N PRO B 265 -16.09 16.54 22.08
CA PRO B 265 -17.05 17.55 21.61
C PRO B 265 -16.90 18.96 22.21
N GLY B 266 -16.79 19.96 21.32
CA GLY B 266 -16.73 21.37 21.73
C GLY B 266 -15.48 21.82 22.48
N ARG B 267 -14.48 20.94 22.57
CA ARG B 267 -13.33 21.17 23.42
C ARG B 267 -12.00 21.11 22.66
N ARG B 268 -10.91 21.38 23.37
CA ARG B 268 -9.56 21.13 22.86
C ARG B 268 -9.40 19.63 22.65
N ALA B 269 -8.71 19.25 21.58
CA ALA B 269 -8.37 17.86 21.35
C ALA B 269 -7.23 17.49 22.29
N PRO B 270 -7.28 16.30 22.89
CA PRO B 270 -6.29 15.90 23.89
C PRO B 270 -4.88 15.81 23.31
N ILE B 271 -3.88 16.24 24.08
CA ILE B 271 -2.49 16.14 23.67
C ILE B 271 -2.00 14.74 24.05
N LEU B 272 -2.06 13.81 23.10
CA LEU B 272 -1.59 12.45 23.35
C LEU B 272 -0.10 12.33 23.09
N LEU B 273 0.46 13.27 22.33
CA LEU B 273 1.86 13.23 21.99
C LEU B 273 2.56 14.52 22.44
N THR B 274 3.19 14.43 23.61
CA THR B 274 3.99 15.52 24.16
C THR B 274 5.38 15.46 23.54
N GLU B 275 6.27 16.37 23.96
CA GLU B 275 7.64 16.41 23.41
C GLU B 275 8.50 15.24 23.90
N ASP B 276 8.56 15.04 25.21
CA ASP B 276 9.33 13.91 25.77
C ASP B 276 8.91 12.57 25.15
N MET B 277 7.65 12.49 24.72
CA MET B 277 7.13 11.30 24.04
C MET B 277 7.68 11.15 22.63
N VAL B 278 7.58 12.21 21.83
CA VAL B 278 8.04 12.17 20.43
C VAL B 278 9.56 12.02 20.34
N GLU B 279 10.26 12.47 21.38
CA GLU B 279 11.72 12.33 21.43
C GLU B 279 12.20 10.88 21.50
N ARG B 280 11.32 9.96 21.88
CA ARG B 280 11.65 8.52 21.86
C ARG B 280 11.30 7.81 20.53
N LEU B 281 10.69 8.54 19.59
CA LEU B 281 10.36 7.98 18.28
C LEU B 281 11.59 7.88 17.38
N LYS B 282 11.78 6.74 16.75
CA LYS B 282 12.93 6.52 15.88
C LYS B 282 12.74 7.31 14.58
N PRO B 283 13.81 7.97 14.11
CA PRO B 283 13.77 8.67 12.83
C PRO B 283 13.17 7.78 11.74
N GLY B 284 12.29 8.35 10.92
CA GLY B 284 11.53 7.58 9.94
C GLY B 284 10.13 7.28 10.43
N THR B 285 9.88 7.49 11.72
CA THR B 285 8.56 7.32 12.28
C THR B 285 7.63 8.34 11.64
N VAL B 286 6.36 7.96 11.47
CA VAL B 286 5.39 8.83 10.86
C VAL B 286 4.27 9.04 11.86
N VAL B 287 3.80 10.29 11.96
CA VAL B 287 2.60 10.62 12.72
C VAL B 287 1.55 11.21 11.78
N VAL B 288 0.33 10.68 11.83
CA VAL B 288 -0.79 11.23 11.08
C VAL B 288 -1.85 11.71 12.04
N ASP B 289 -1.90 13.01 12.25
CA ASP B 289 -2.78 13.62 13.23
C ASP B 289 -4.10 14.07 12.59
N LEU B 290 -5.11 13.20 12.68
CA LEU B 290 -6.43 13.52 12.14
C LEU B 290 -7.14 14.63 12.88
N ALA B 291 -6.86 14.75 14.18
CA ALA B 291 -7.51 15.76 15.01
C ALA B 291 -7.00 17.18 14.80
N ALA B 292 -6.14 17.37 13.80
CA ALA B 292 -5.53 18.68 13.51
C ALA B 292 -6.51 19.85 13.56
N GLU B 293 -7.72 19.64 13.05
CA GLU B 293 -8.76 20.70 13.00
C GLU B 293 -9.10 21.40 14.33
N SER B 294 -8.97 20.67 15.44
CA SER B 294 -9.25 21.24 16.78
C SER B 294 -7.99 21.19 17.66
N GLY B 295 -6.91 21.75 17.14
CA GLY B 295 -5.58 21.54 17.72
C GLY B 295 -5.21 20.13 17.34
N GLY B 296 -4.06 19.66 17.80
CA GLY B 296 -3.62 18.33 17.45
C GLY B 296 -3.60 17.39 18.63
N ASN B 297 -3.55 16.10 18.36
CA ASN B 297 -3.18 15.12 19.36
C ASN B 297 -1.66 15.19 19.59
N CYS B 298 -0.94 15.70 18.58
CA CYS B 298 0.51 15.88 18.65
C CYS B 298 0.88 17.36 18.68
N VAL B 299 1.82 17.70 19.56
CA VAL B 299 2.27 19.10 19.72
C VAL B 299 2.97 19.66 18.47
N LEU B 300 3.56 18.78 17.66
CA LEU B 300 4.34 19.19 16.50
C LEU B 300 3.50 19.45 15.26
N THR B 301 2.23 19.08 15.32
CA THR B 301 1.34 19.18 14.18
C THR B 301 1.20 20.63 13.71
N LYS B 302 1.38 20.83 12.41
CA LYS B 302 1.09 22.10 11.77
C LYS B 302 -0.06 21.81 10.85
N PRO B 303 -1.27 22.25 11.22
CA PRO B 303 -2.49 21.89 10.48
C PRO B 303 -2.41 22.14 8.97
N GLY B 304 -2.72 21.12 8.19
CA GLY B 304 -2.67 21.21 6.74
C GLY B 304 -1.29 21.06 6.13
N GLU B 305 -0.30 20.63 6.92
CA GLU B 305 1.08 20.51 6.45
C GLU B 305 1.79 19.25 6.91
N VAL B 306 2.82 18.86 6.14
CA VAL B 306 3.80 17.86 6.58
C VAL B 306 5.05 18.60 7.01
N VAL B 307 5.43 18.41 8.27
CA VAL B 307 6.73 18.87 8.76
C VAL B 307 7.54 17.65 9.12
N GLU B 308 8.85 17.85 9.31
CA GLU B 308 9.73 16.78 9.79
C GLU B 308 10.70 17.37 10.82
N VAL B 309 10.60 16.91 12.07
CA VAL B 309 11.54 17.34 13.12
C VAL B 309 12.23 16.09 13.65
N ARG B 310 13.55 16.11 13.66
CA ARG B 310 14.35 14.98 14.12
C ARG B 310 14.02 13.69 13.36
N GLY B 311 13.64 13.82 12.10
CA GLY B 311 13.24 12.67 11.29
C GLY B 311 11.86 12.08 11.59
N VAL B 312 11.02 12.84 12.29
CA VAL B 312 9.66 12.41 12.58
C VAL B 312 8.71 13.21 11.69
N ARG B 313 8.13 12.53 10.71
CA ARG B 313 7.24 13.18 9.75
C ARG B 313 5.86 13.27 10.37
N VAL B 314 5.40 14.50 10.57
CA VAL B 314 4.11 14.75 11.20
C VAL B 314 3.14 15.38 10.21
N TYR B 315 2.06 14.67 9.89
CA TYR B 315 1.05 15.15 8.95
C TYR B 315 -0.22 15.50 9.71
N GLY B 316 -0.72 16.72 9.50
CA GLY B 316 -1.94 17.19 10.12
C GLY B 316 -2.99 17.50 9.06
N PRO B 317 -3.55 16.46 8.45
CA PRO B 317 -4.48 16.66 7.36
C PRO B 317 -5.77 17.33 7.80
N LEU B 318 -6.29 18.20 6.95
CA LEU B 318 -7.59 18.80 7.15
C LEU B 318 -8.38 18.42 5.93
N ASN B 319 -9.65 18.08 6.13
CA ASN B 319 -10.53 17.77 5.02
C ASN B 319 -10.06 16.63 4.11
N LEU B 320 -9.88 15.46 4.72
CA LEU B 320 -9.64 14.22 3.98
C LEU B 320 -10.84 13.79 3.15
N PRO B 321 -12.05 13.95 3.69
CA PRO B 321 -13.26 13.68 2.93
C PRO B 321 -13.28 14.39 1.56
N SER B 322 -12.78 15.61 1.52
CA SER B 322 -12.66 16.33 0.26
C SER B 322 -11.66 15.66 -0.71
N GLU B 323 -10.61 15.03 -0.18
CA GLU B 323 -9.71 14.23 -1.04
C GLU B 323 -10.46 13.05 -1.69
N LEU B 324 -11.27 12.36 -0.90
CA LEU B 324 -12.08 11.26 -1.42
C LEU B 324 -13.46 11.79 -1.84
N SER B 325 -13.45 12.78 -2.74
CA SER B 325 -14.64 13.57 -3.05
C SER B 325 -15.82 12.79 -3.65
N VAL B 326 -15.53 11.76 -4.43
CA VAL B 326 -16.60 10.98 -5.05
C VAL B 326 -17.36 10.18 -4.00
N HIS B 327 -16.65 9.43 -3.18
CA HIS B 327 -17.32 8.56 -2.21
C HIS B 327 -17.73 9.26 -0.95
N ALA B 328 -17.05 10.34 -0.62
CA ALA B 328 -17.49 11.20 0.46
C ALA B 328 -18.83 11.84 0.10
N SER B 329 -18.91 12.42 -1.09
CA SER B 329 -20.13 13.04 -1.56
C SER B 329 -21.27 12.02 -1.66
N GLU B 330 -20.96 10.85 -2.21
CA GLU B 330 -21.95 9.79 -2.34
C GLU B 330 -22.55 9.41 -0.99
N MET B 331 -21.69 9.09 -0.02
CA MET B 331 -22.17 8.71 1.31
C MET B 331 -22.93 9.84 1.95
N TYR B 332 -22.37 11.05 1.88
CA TYR B 332 -23.03 12.22 2.42
C TYR B 332 -24.44 12.42 1.82
N ALA B 333 -24.54 12.30 0.50
CA ALA B 333 -25.82 12.46 -0.19
C ALA B 333 -26.83 11.41 0.26
N LYS B 334 -26.39 10.18 0.42
CA LYS B 334 -27.25 9.13 0.95
C LYS B 334 -27.66 9.43 2.40
N ASN B 335 -26.73 9.95 3.21
CA ASN B 335 -27.08 10.37 4.57
C ASN B 335 -28.22 11.39 4.56
N LEU B 336 -28.12 12.38 3.68
CA LEU B 336 -29.16 13.40 3.54
C LEU B 336 -30.45 12.80 2.99
N TYR B 337 -30.34 11.98 1.94
CA TYR B 337 -31.52 11.34 1.36
C TYR B 337 -32.31 10.64 2.45
N ASN B 338 -31.62 9.80 3.22
CA ASN B 338 -32.23 9.08 4.33
C ASN B 338 -32.86 10.01 5.34
N LEU B 339 -32.15 11.09 5.69
CA LEU B 339 -32.68 12.10 6.60
C LEU B 339 -33.92 12.73 5.98
N SER B 340 -33.82 13.09 4.71
CA SER B 340 -34.96 13.70 3.98
C SER B 340 -36.29 12.93 4.09
N SER B 341 -36.22 11.65 4.48
CA SER B 341 -37.43 10.89 4.79
C SER B 341 -38.19 11.49 5.98
N LEU B 342 -37.47 12.19 6.86
CA LEU B 342 -38.07 12.94 7.96
C LEU B 342 -38.42 14.38 7.57
N LEU B 343 -38.32 14.70 6.28
CA LEU B 343 -38.59 16.05 5.78
C LEU B 343 -39.55 16.11 4.59
N ILE B 344 -39.78 14.97 3.93
CA ILE B 344 -40.57 14.94 2.71
C ILE B 344 -41.63 13.83 2.76
N GLU B 345 -42.81 14.12 2.21
CA GLU B 345 -43.92 13.18 2.19
C GLU B 345 -44.46 13.04 0.77
N LYS B 346 -44.14 11.92 0.13
CA LYS B 346 -44.63 11.66 -1.23
C LYS B 346 -44.42 12.86 -2.18
N GLY B 347 -43.32 13.58 -1.98
CA GLY B 347 -43.02 14.78 -2.77
C GLY B 347 -43.53 16.09 -2.19
N ALA B 348 -43.87 16.09 -0.91
CA ALA B 348 -44.39 17.29 -0.23
C ALA B 348 -43.53 17.69 0.96
N PHE B 349 -43.38 19.00 1.17
CA PHE B 349 -42.61 19.54 2.29
C PHE B 349 -43.31 19.21 3.60
N ALA B 350 -42.82 18.19 4.30
CA ALA B 350 -43.49 17.68 5.53
C ALA B 350 -42.52 17.37 6.67
N PRO B 351 -41.84 18.39 7.19
CA PRO B 351 -40.90 18.21 8.29
C PRO B 351 -41.51 17.48 9.48
N LYS B 352 -40.77 16.53 10.04
CA LYS B 352 -41.22 15.74 11.19
C LYS B 352 -40.68 16.36 12.47
N TRP B 353 -41.21 17.52 12.84
CA TRP B 353 -40.79 18.23 14.04
C TRP B 353 -40.76 17.32 15.26
N GLU B 354 -41.67 16.35 15.30
CA GLU B 354 -41.82 15.48 16.45
C GLU B 354 -40.69 14.47 16.62
N ASP B 355 -40.16 13.97 15.49
CA ASP B 355 -39.15 12.90 15.53
C ASP B 355 -37.98 13.26 16.44
N GLU B 356 -37.48 12.26 17.17
CA GLU B 356 -36.42 12.47 18.16
C GLU B 356 -35.04 12.70 17.54
N ILE B 357 -34.90 12.37 16.26
CA ILE B 357 -33.68 12.68 15.51
C ILE B 357 -33.70 14.15 15.10
N VAL B 358 -34.87 14.63 14.71
CA VAL B 358 -35.05 16.04 14.32
C VAL B 358 -34.99 16.94 15.55
N ARG B 359 -35.50 16.45 16.68
CA ARG B 359 -35.45 17.22 17.93
C ARG B 359 -34.02 17.38 18.44
N ALA B 360 -33.20 16.37 18.20
CA ALA B 360 -31.82 16.38 18.65
C ALA B 360 -30.95 17.28 17.78
N ALA B 361 -31.29 17.37 16.49
CA ALA B 361 -30.43 18.04 15.50
C ALA B 361 -30.89 19.41 15.00
N LEU B 362 -32.11 19.81 15.35
CA LEU B 362 -32.64 21.12 14.94
C LEU B 362 -31.96 22.22 15.74
N LEU B 363 -30.99 22.89 15.11
CA LEU B 363 -30.15 23.87 15.80
C LEU B 363 -30.85 25.21 16.01
N MET B 364 -31.72 25.58 15.07
CA MET B 364 -32.55 26.78 15.23
C MET B 364 -33.81 26.73 14.37
N LYS B 365 -34.80 27.52 14.75
CA LYS B 365 -36.09 27.54 14.09
C LYS B 365 -36.65 28.95 14.16
N GLU B 366 -37.07 29.47 13.01
CA GLU B 366 -37.57 30.85 12.93
C GLU B 366 -36.52 31.85 13.45
N GLY B 367 -35.26 31.44 13.51
CA GLY B 367 -34.19 32.27 14.07
C GLY B 367 -33.80 32.02 15.53
N GLU B 368 -34.67 31.35 16.28
CA GLU B 368 -34.39 31.08 17.70
C GLU B 368 -33.49 29.86 17.83
N VAL B 369 -32.45 29.96 18.67
CA VAL B 369 -31.40 28.93 18.76
C VAL B 369 -31.62 27.93 19.91
N LEU B 370 -31.85 26.67 19.55
CA LEU B 370 -32.36 25.67 20.50
C LEU B 370 -31.29 24.75 21.13
N HIS B 371 -30.05 24.84 20.64
CA HIS B 371 -28.97 23.96 21.12
C HIS B 371 -28.17 24.66 22.20
N GLY B 372 -28.13 24.05 23.39
CA GLY B 372 -27.51 24.67 24.58
C GLY B 372 -26.10 25.20 24.37
N PRO B 373 -25.12 24.30 24.30
CA PRO B 373 -23.72 24.67 24.06
C PRO B 373 -23.52 25.72 22.95
N THR B 374 -24.31 25.62 21.88
CA THR B 374 -24.27 26.61 20.79
C THR B 374 -24.85 27.96 21.25
N LYS B 375 -26.06 27.92 21.79
CA LYS B 375 -26.73 29.14 22.27
C LYS B 375 -25.79 29.93 23.19
N ALA B 376 -25.18 29.24 24.14
CA ALA B 376 -24.22 29.85 25.07
C ALA B 376 -23.12 30.62 24.32
N LEU B 377 -22.60 30.04 23.25
CA LEU B 377 -21.52 30.68 22.47
C LEU B 377 -21.96 31.90 21.67
N LEU B 378 -23.26 32.03 21.40
CA LEU B 378 -23.78 33.22 20.72
C LEU B 378 -23.94 34.41 21.68
N GLY B 379 -23.97 34.13 22.97
CA GLY B 379 -24.07 35.18 23.99
C GLY B 379 -25.41 35.88 24.03
N LYS C 9 16.57 -44.33 -8.39
CA LYS C 9 16.93 -44.36 -6.94
C LYS C 9 15.79 -44.94 -6.09
N GLY C 10 14.78 -44.12 -5.81
CA GLY C 10 13.63 -44.53 -4.99
C GLY C 10 12.39 -44.75 -5.84
N SER C 11 11.28 -44.11 -5.44
CA SER C 11 10.01 -44.29 -6.14
C SER C 11 8.98 -43.19 -5.82
N LEU C 12 8.07 -42.97 -6.76
CA LEU C 12 6.90 -42.11 -6.55
C LEU C 12 5.82 -42.93 -5.86
N LYS C 13 5.34 -42.46 -4.71
CA LYS C 13 4.38 -43.23 -3.91
C LYS C 13 3.09 -42.44 -3.65
N PRO C 14 2.12 -42.56 -4.56
CA PRO C 14 0.86 -41.81 -4.44
C PRO C 14 0.12 -42.14 -3.14
N ILE C 15 -0.64 -41.18 -2.64
CA ILE C 15 -1.42 -41.37 -1.43
C ILE C 15 -2.83 -40.82 -1.66
N ASP C 16 -3.84 -41.47 -1.10
CA ASP C 16 -5.24 -40.97 -1.17
C ASP C 16 -5.43 -39.83 -0.18
N VAL C 17 -6.47 -39.00 -0.39
CA VAL C 17 -6.77 -37.91 0.54
C VAL C 17 -7.15 -38.49 1.91
N GLU C 18 -7.77 -39.66 1.90
CA GLU C 18 -8.16 -40.34 3.14
C GLU C 18 -6.94 -40.79 3.94
N ASP C 19 -5.94 -41.32 3.24
CA ASP C 19 -4.69 -41.75 3.87
C ASP C 19 -3.95 -40.59 4.50
N ALA C 20 -3.99 -39.44 3.83
CA ALA C 20 -3.31 -38.23 4.32
C ALA C 20 -4.02 -37.69 5.53
N ALA C 21 -5.34 -37.83 5.54
CA ALA C 21 -6.16 -37.34 6.63
C ALA C 21 -5.85 -38.11 7.91
N VAL C 22 -5.64 -39.42 7.79
CA VAL C 22 -5.26 -40.25 8.95
C VAL C 22 -3.89 -39.85 9.46
N MET C 23 -2.95 -39.59 8.55
CA MET C 23 -1.62 -39.13 8.94
C MET C 23 -1.67 -37.82 9.73
N LEU C 24 -2.52 -36.90 9.29
CA LEU C 24 -2.62 -35.60 9.93
C LEU C 24 -3.42 -35.68 11.21
N ALA C 25 -4.39 -36.60 11.25
CA ALA C 25 -5.23 -36.78 12.42
C ALA C 25 -4.44 -37.16 13.67
N TYR C 26 -3.30 -37.83 13.48
CA TYR C 26 -2.52 -38.31 14.62
C TYR C 26 -1.16 -37.64 14.74
N ALA C 27 -0.95 -36.58 13.96
CA ALA C 27 0.31 -35.86 14.00
C ALA C 27 0.32 -34.89 15.18
N GLY C 28 1.49 -34.73 15.78
CA GLY C 28 1.66 -33.78 16.87
C GLY C 28 2.21 -32.46 16.37
N LYS C 29 3.04 -32.53 15.34
CA LYS C 29 3.66 -31.36 14.77
C LYS C 29 3.53 -31.38 13.25
N VAL C 30 2.95 -30.34 12.68
CA VAL C 30 2.74 -30.26 11.25
C VAL C 30 3.29 -28.95 10.74
N VAL C 31 3.96 -29.00 9.59
CA VAL C 31 4.48 -27.80 8.95
C VAL C 31 3.95 -27.71 7.54
N PHE C 32 3.34 -26.58 7.22
CA PHE C 32 2.88 -26.32 5.86
C PHE C 32 3.96 -25.56 5.13
N VAL C 33 4.29 -26.01 3.93
CA VAL C 33 5.29 -25.33 3.08
C VAL C 33 4.62 -25.05 1.75
N PRO C 34 4.11 -23.83 1.56
CA PRO C 34 3.43 -23.47 0.32
C PRO C 34 4.37 -22.94 -0.76
N GLY C 35 4.07 -23.24 -2.01
CA GLY C 35 4.82 -22.67 -3.16
C GLY C 35 3.92 -21.98 -4.17
N TYR C 36 4.43 -21.79 -5.39
CA TYR C 36 3.68 -21.12 -6.46
C TYR C 36 2.38 -21.83 -6.77
N GLY C 37 2.37 -23.16 -6.64
CA GLY C 37 1.20 -23.96 -6.92
C GLY C 37 0.01 -23.59 -6.06
N MET C 38 0.26 -23.30 -4.78
CA MET C 38 -0.81 -22.84 -3.89
C MET C 38 -1.43 -21.56 -4.45
N ALA C 39 -0.57 -20.69 -4.98
CA ALA C 39 -0.99 -19.38 -5.46
C ALA C 39 -1.79 -19.48 -6.76
N LEU C 40 -1.35 -20.33 -7.66
CA LEU C 40 -2.05 -20.54 -8.93
C LEU C 40 -3.42 -21.08 -8.61
N SER C 41 -3.46 -21.98 -7.64
CA SER C 41 -4.69 -22.61 -7.19
C SER C 41 -5.54 -21.70 -6.32
N GLN C 42 -4.97 -20.57 -5.91
CA GLN C 42 -5.62 -19.70 -4.93
C GLN C 42 -6.16 -20.54 -3.77
N ALA C 43 -5.29 -21.36 -3.19
CA ALA C 43 -5.69 -22.30 -2.17
C ALA C 43 -5.46 -21.79 -0.75
N GLN C 44 -5.03 -20.53 -0.62
CA GLN C 44 -4.69 -19.96 0.67
C GLN C 44 -5.80 -20.00 1.75
N HIS C 45 -7.07 -19.88 1.34
CA HIS C 45 -8.18 -19.90 2.32
C HIS C 45 -8.45 -21.29 2.86
N LYS C 46 -8.48 -22.29 1.97
CA LYS C 46 -8.58 -23.69 2.39
C LYS C 46 -7.39 -24.15 3.25
N LEU C 47 -6.20 -23.65 2.93
CA LEU C 47 -5.00 -24.02 3.68
C LEU C 47 -5.06 -23.46 5.08
N LYS C 48 -5.59 -22.25 5.19
CA LYS C 48 -5.79 -21.61 6.47
C LYS C 48 -6.82 -22.40 7.26
N GLU C 49 -7.88 -22.84 6.59
CA GLU C 49 -8.96 -23.57 7.25
C GLU C 49 -8.43 -24.90 7.80
N LEU C 50 -7.57 -25.56 7.03
CA LEU C 50 -6.94 -26.78 7.48
C LEU C 50 -6.08 -26.54 8.73
N ALA C 51 -5.28 -25.48 8.69
CA ALA C 51 -4.41 -25.12 9.81
C ALA C 51 -5.20 -24.82 11.09
N ASP C 52 -6.33 -24.13 10.95
CA ASP C 52 -7.25 -23.89 12.06
C ASP C 52 -7.75 -25.21 12.61
N LEU C 53 -8.14 -26.10 11.70
CA LEU C 53 -8.74 -27.35 12.12
C LEU C 53 -7.76 -28.18 12.91
N LEU C 54 -6.55 -28.34 12.38
CA LEU C 54 -5.50 -29.12 13.06
C LEU C 54 -5.20 -28.54 14.44
N GLU C 55 -5.10 -27.21 14.52
CA GLU C 55 -4.84 -26.53 15.80
C GLU C 55 -5.89 -26.84 16.85
N ALA C 56 -7.17 -26.79 16.45
CA ALA C 56 -8.28 -27.09 17.36
C ALA C 56 -8.25 -28.55 17.85
N ARG C 57 -7.48 -29.39 17.17
CA ARG C 57 -7.22 -30.76 17.65
C ARG C 57 -5.93 -30.89 18.45
N GLY C 58 -5.36 -29.76 18.86
CA GLY C 58 -4.13 -29.77 19.65
C GLY C 58 -2.86 -29.99 18.85
N VAL C 59 -2.97 -29.97 17.53
CA VAL C 59 -1.80 -30.14 16.65
C VAL C 59 -1.02 -28.83 16.62
N GLU C 60 0.29 -28.92 16.81
CA GLU C 60 1.16 -27.75 16.68
C GLU C 60 1.47 -27.48 15.19
N VAL C 61 0.93 -26.39 14.68
CA VAL C 61 0.96 -26.11 13.26
C VAL C 61 1.85 -24.91 12.99
N LYS C 62 2.70 -25.04 11.99
CA LYS C 62 3.55 -23.94 11.56
C LYS C 62 3.63 -23.85 10.04
N PHE C 63 3.98 -22.67 9.55
CA PHE C 63 4.22 -22.45 8.12
C PHE C 63 5.68 -22.05 7.94
N ALA C 64 6.37 -22.72 7.02
CA ALA C 64 7.73 -22.31 6.62
C ALA C 64 7.63 -21.58 5.29
N ILE C 65 8.07 -20.33 5.28
CA ILE C 65 8.04 -19.51 4.09
C ILE C 65 9.44 -19.39 3.51
N HIS C 66 9.65 -20.00 2.35
CA HIS C 66 10.92 -19.88 1.65
C HIS C 66 11.08 -18.50 0.99
N PRO C 67 12.28 -17.92 1.06
CA PRO C 67 12.59 -16.61 0.48
C PRO C 67 12.20 -16.37 -0.99
N VAL C 68 12.27 -17.40 -1.82
CA VAL C 68 11.94 -17.30 -3.22
C VAL C 68 10.78 -18.20 -3.65
N ALA C 69 9.97 -18.62 -2.70
CA ALA C 69 8.75 -19.36 -3.04
C ALA C 69 7.80 -18.46 -3.86
N GLY C 70 7.09 -19.05 -4.81
CA GLY C 70 6.20 -18.29 -5.69
C GLY C 70 6.93 -17.65 -6.86
N ARG C 71 6.49 -16.45 -7.24
CA ARG C 71 7.02 -15.72 -8.38
C ARG C 71 7.20 -14.21 -8.14
N MET C 72 7.09 -13.78 -6.87
CA MET C 72 7.51 -12.44 -6.49
C MET C 72 7.91 -12.41 -5.04
N PRO C 73 8.78 -11.46 -4.67
CA PRO C 73 9.14 -11.29 -3.29
C PRO C 73 7.89 -11.22 -2.45
N GLY C 74 7.82 -12.09 -1.44
CA GLY C 74 6.73 -12.05 -0.47
C GLY C 74 5.41 -12.59 -0.97
N HIS C 75 5.47 -13.43 -2.00
CA HIS C 75 4.26 -13.95 -2.64
C HIS C 75 3.41 -14.74 -1.63
N MET C 76 4.06 -15.61 -0.88
CA MET C 76 3.36 -16.44 0.09
C MET C 76 2.82 -15.59 1.24
N ASN C 77 3.57 -14.56 1.62
CA ASN C 77 3.16 -13.66 2.69
C ASN C 77 1.87 -12.89 2.36
N VAL C 78 1.77 -12.37 1.14
CA VAL C 78 0.58 -11.58 0.77
C VAL C 78 -0.68 -12.45 0.75
N LEU C 79 -0.56 -13.70 0.27
CA LEU C 79 -1.68 -14.63 0.22
C LEU C 79 -2.07 -15.17 1.59
N LEU C 80 -1.08 -15.59 2.37
CA LEU C 80 -1.35 -16.09 3.73
C LEU C 80 -1.94 -14.98 4.62
N ALA C 81 -1.41 -13.77 4.47
CA ALA C 81 -1.99 -12.61 5.15
C ALA C 81 -3.44 -12.37 4.72
N GLU C 82 -3.72 -12.61 3.44
CA GLU C 82 -5.08 -12.45 2.91
C GLU C 82 -6.01 -13.45 3.55
N ALA C 83 -5.52 -14.67 3.72
CA ALA C 83 -6.33 -15.77 4.23
C ALA C 83 -6.56 -15.65 5.73
N GLY C 84 -5.77 -14.81 6.39
CA GLY C 84 -5.91 -14.56 7.82
C GLY C 84 -4.93 -15.31 8.71
N VAL C 85 -3.82 -15.81 8.14
CA VAL C 85 -2.83 -16.55 8.93
C VAL C 85 -2.05 -15.58 9.81
N ASP C 86 -1.76 -16.00 11.04
CA ASP C 86 -1.09 -15.14 12.01
C ASP C 86 0.41 -15.04 11.68
N TYR C 87 0.95 -13.83 11.81
CA TYR C 87 2.38 -13.60 11.58
C TYR C 87 3.27 -14.53 12.41
N ASP C 88 2.83 -14.81 13.64
CA ASP C 88 3.57 -15.70 14.53
C ASP C 88 3.58 -17.16 14.09
N LYS C 89 2.70 -17.53 13.16
CA LYS C 89 2.73 -18.86 12.56
C LYS C 89 3.72 -18.99 11.40
N LEU C 90 4.10 -17.85 10.84
CA LEU C 90 4.98 -17.81 9.67
C LEU C 90 6.46 -17.80 10.11
N LYS C 91 7.16 -18.90 9.86
CA LYS C 91 8.59 -19.03 10.24
C LYS C 91 9.50 -18.96 9.02
N ASP C 92 10.60 -18.22 9.11
CA ASP C 92 11.61 -18.24 8.02
C ASP C 92 12.67 -19.28 8.32
N LEU C 93 13.37 -19.71 7.28
CA LEU C 93 14.03 -21.02 7.32
C LEU C 93 15.17 -21.18 8.32
N GLU C 94 15.82 -20.08 8.72
CA GLU C 94 16.84 -20.15 9.78
C GLU C 94 16.21 -20.51 11.13
N GLU C 95 15.03 -19.96 11.40
CA GLU C 95 14.31 -20.28 12.65
C GLU C 95 13.64 -21.66 12.64
N ILE C 96 13.18 -22.13 11.46
CA ILE C 96 12.46 -23.42 11.39
C ILE C 96 13.25 -24.65 10.93
N ASN C 97 14.38 -24.46 10.26
CA ASN C 97 15.15 -25.61 9.78
C ASN C 97 15.53 -26.64 10.85
N PRO C 98 16.19 -26.21 11.94
CA PRO C 98 16.58 -27.14 13.01
C PRO C 98 15.41 -27.90 13.64
N GLU C 99 14.20 -27.47 13.36
CA GLU C 99 12.99 -28.04 13.93
C GLU C 99 12.44 -29.22 13.14
N PHE C 100 12.82 -29.32 11.87
CA PHE C 100 12.25 -30.31 10.95
C PHE C 100 12.30 -31.77 11.38
N PRO C 101 13.41 -32.21 12.00
CA PRO C 101 13.50 -33.59 12.51
C PRO C 101 12.36 -34.02 13.45
N THR C 102 11.88 -33.09 14.29
CA THR C 102 10.76 -33.39 15.20
C THR C 102 9.37 -33.13 14.57
N VAL C 103 9.35 -32.79 13.27
CA VAL C 103 8.09 -32.56 12.55
C VAL C 103 7.56 -33.88 12.02
N ASP C 104 6.34 -34.22 12.45
CA ASP C 104 5.73 -35.51 12.12
C ASP C 104 5.32 -35.54 10.67
N VAL C 105 4.72 -34.45 10.20
CA VAL C 105 4.29 -34.34 8.81
C VAL C 105 4.54 -32.95 8.26
N ALA C 106 5.31 -32.88 7.17
CA ALA C 106 5.47 -31.63 6.44
C ALA C 106 4.58 -31.69 5.19
N VAL C 107 3.56 -30.84 5.13
CA VAL C 107 2.66 -30.83 4.00
C VAL C 107 3.11 -29.76 3.03
N VAL C 108 3.70 -30.18 1.92
CA VAL C 108 4.15 -29.28 0.89
C VAL C 108 2.96 -28.98 -0.03
N ILE C 109 2.68 -27.70 -0.25
CA ILE C 109 1.53 -27.31 -1.06
C ILE C 109 1.91 -26.45 -2.31
N GLY C 110 2.02 -27.12 -3.46
CA GLY C 110 2.35 -26.46 -4.71
C GLY C 110 3.78 -25.91 -4.76
N ALA C 111 4.67 -26.53 -3.99
CA ALA C 111 6.07 -26.14 -3.97
C ALA C 111 6.94 -27.28 -4.52
N ASN C 112 8.07 -26.91 -5.11
CA ASN C 112 8.93 -27.87 -5.77
C ASN C 112 10.39 -27.46 -5.60
N ASP C 113 10.83 -26.45 -6.39
CA ASP C 113 12.19 -25.96 -6.33
C ASP C 113 12.65 -25.59 -4.90
N VAL C 114 11.77 -24.99 -4.11
CA VAL C 114 12.13 -24.55 -2.74
C VAL C 114 12.22 -25.67 -1.70
N VAL C 115 11.88 -26.89 -2.09
CA VAL C 115 11.99 -28.04 -1.21
C VAL C 115 12.83 -29.12 -1.88
N ASN C 116 13.74 -28.72 -2.75
CA ASN C 116 14.56 -29.67 -3.49
C ASN C 116 15.94 -29.84 -2.85
N PRO C 117 16.24 -31.04 -2.34
CA PRO C 117 17.54 -31.31 -1.68
C PRO C 117 18.76 -31.08 -2.58
N ALA C 118 18.54 -31.06 -3.90
CA ALA C 118 19.63 -30.87 -4.86
C ALA C 118 20.37 -29.52 -4.71
N ALA C 119 19.71 -28.53 -4.14
CA ALA C 119 20.32 -27.20 -3.99
C ALA C 119 21.52 -27.17 -3.05
N ARG C 120 21.69 -28.22 -2.25
CA ARG C 120 22.86 -28.37 -1.38
C ARG C 120 24.11 -28.68 -2.20
N ARG C 121 23.93 -29.36 -3.33
CA ARG C 121 25.05 -29.85 -4.13
C ARG C 121 25.53 -28.79 -5.14
N PRO C 122 26.86 -28.60 -5.23
CA PRO C 122 27.44 -27.55 -6.08
C PRO C 122 27.17 -27.71 -7.58
N GLY C 123 27.01 -28.93 -8.03
CA GLY C 123 26.76 -29.20 -9.44
C GLY C 123 25.39 -28.76 -9.93
N SER C 124 24.40 -28.74 -9.03
CA SER C 124 23.01 -28.54 -9.41
C SER C 124 22.68 -27.09 -9.69
N PRO C 125 21.79 -26.86 -10.66
CA PRO C 125 21.34 -25.50 -11.00
C PRO C 125 20.73 -24.73 -9.83
N LEU C 126 20.19 -25.45 -8.84
CA LEU C 126 19.62 -24.82 -7.65
C LEU C 126 20.64 -24.41 -6.55
N TYR C 127 21.92 -24.76 -6.74
CA TYR C 127 22.96 -24.34 -5.80
C TYR C 127 22.96 -22.82 -5.70
N GLY C 128 23.11 -22.31 -4.48
CA GLY C 128 22.99 -20.85 -4.22
C GLY C 128 21.71 -20.53 -3.45
N MET C 129 20.65 -21.28 -3.75
CA MET C 129 19.37 -21.12 -3.07
C MET C 129 19.47 -21.61 -1.62
N PRO C 130 19.02 -20.79 -0.66
CA PRO C 130 18.96 -21.24 0.73
C PRO C 130 18.13 -22.52 0.80
N ILE C 131 18.51 -23.42 1.70
CA ILE C 131 17.91 -24.75 1.72
C ILE C 131 16.90 -24.88 2.86
N LEU C 132 15.71 -25.39 2.53
CA LEU C 132 14.65 -25.69 3.50
C LEU C 132 14.64 -27.19 3.75
N ASP C 133 14.92 -27.61 4.98
CA ASP C 133 15.22 -29.02 5.31
C ASP C 133 13.99 -29.92 5.47
N VAL C 134 13.01 -29.76 4.58
CA VAL C 134 11.77 -30.53 4.64
C VAL C 134 12.03 -32.03 4.44
N ASP C 135 13.15 -32.35 3.81
CA ASP C 135 13.56 -33.75 3.65
C ASP C 135 14.02 -34.44 4.95
N LYS C 136 14.13 -33.68 6.03
CA LYS C 136 14.49 -34.23 7.35
C LYS C 136 13.26 -34.46 8.22
N ALA C 137 12.08 -34.11 7.69
CA ALA C 137 10.81 -34.36 8.38
C ALA C 137 10.54 -35.86 8.42
N LYS C 138 9.75 -36.29 9.39
CA LYS C 138 9.45 -37.71 9.56
C LYS C 138 8.60 -38.23 8.41
N ASN C 139 7.72 -37.38 7.90
CA ASN C 139 6.91 -37.70 6.73
C ASN C 139 6.65 -36.44 5.94
N VAL C 140 6.60 -36.58 4.63
CA VAL C 140 6.33 -35.44 3.76
C VAL C 140 5.16 -35.81 2.91
N ILE C 141 4.21 -34.88 2.78
CA ILE C 141 3.13 -35.03 1.81
C ILE C 141 3.18 -33.87 0.82
N VAL C 142 3.35 -34.19 -0.46
CA VAL C 142 3.49 -33.17 -1.48
C VAL C 142 2.22 -33.08 -2.29
N ILE C 143 1.57 -31.91 -2.27
CA ILE C 143 0.42 -31.65 -3.13
C ILE C 143 0.86 -30.91 -4.41
N LYS C 144 0.68 -31.58 -5.53
CA LYS C 144 0.85 -30.97 -6.84
C LYS C 144 -0.01 -31.79 -7.78
N ARG C 145 -0.36 -31.24 -8.94
CA ARG C 145 -1.33 -31.91 -9.84
C ARG C 145 -0.80 -33.21 -10.42
N GLY C 146 0.49 -33.22 -10.78
CA GLY C 146 1.12 -34.41 -11.35
C GLY C 146 2.63 -34.29 -11.49
N GLN C 147 3.10 -34.27 -12.73
CA GLN C 147 4.53 -34.33 -13.03
C GLN C 147 5.12 -32.99 -13.46
N GLY C 148 4.41 -31.90 -13.19
CA GLY C 148 4.86 -30.58 -13.57
C GLY C 148 6.09 -30.17 -12.78
N LYS C 149 7.13 -29.76 -13.48
CA LYS C 149 8.36 -29.32 -12.84
C LYS C 149 8.23 -27.88 -12.43
N GLY C 150 9.17 -27.42 -11.61
CA GLY C 150 9.18 -26.05 -11.16
C GLY C 150 9.81 -25.09 -12.15
N PHE C 151 9.93 -23.83 -11.71
CA PHE C 151 10.57 -22.79 -12.49
C PHE C 151 11.89 -23.23 -13.11
N ALA C 152 12.74 -23.87 -12.31
CA ALA C 152 14.10 -24.22 -12.74
C ALA C 152 14.15 -25.42 -13.69
N GLY C 153 13.04 -26.15 -13.81
CA GLY C 153 12.97 -27.27 -14.75
C GLY C 153 13.80 -28.49 -14.38
N VAL C 154 13.99 -28.70 -13.07
CA VAL C 154 14.73 -29.85 -12.57
C VAL C 154 13.81 -30.79 -11.79
N GLU C 155 14.14 -32.08 -11.82
CA GLU C 155 13.34 -33.08 -11.15
C GLU C 155 13.70 -33.11 -9.67
N ASN C 156 12.76 -33.57 -8.85
CA ASN C 156 12.90 -33.47 -7.41
C ASN C 156 13.04 -34.85 -6.74
N GLU C 157 14.23 -35.11 -6.19
CA GLU C 157 14.51 -36.36 -5.49
C GLU C 157 13.73 -36.50 -4.19
N LEU C 158 13.23 -35.37 -3.66
CA LEU C 158 12.36 -35.39 -2.51
C LEU C 158 11.15 -36.28 -2.78
N PHE C 159 10.55 -36.11 -3.95
CA PHE C 159 9.38 -36.90 -4.34
C PHE C 159 9.67 -38.40 -4.38
N TYR C 160 10.94 -38.77 -4.37
CA TYR C 160 11.34 -40.18 -4.42
C TYR C 160 11.87 -40.76 -3.09
N ALA C 161 11.83 -39.96 -2.02
CA ALA C 161 12.33 -40.40 -0.71
C ALA C 161 11.36 -41.37 -0.03
N GLU C 162 11.90 -42.27 0.79
CA GLU C 162 11.09 -43.27 1.51
C GLU C 162 9.92 -42.62 2.24
N ASN C 163 10.19 -41.49 2.87
CA ASN C 163 9.23 -40.86 3.76
C ASN C 163 8.36 -39.79 3.07
N THR C 164 8.46 -39.70 1.75
CA THR C 164 7.67 -38.75 0.97
C THR C 164 6.53 -39.47 0.24
N ARG C 165 5.35 -38.88 0.29
CA ARG C 165 4.18 -39.44 -0.36
C ARG C 165 3.43 -38.34 -1.14
N MET C 166 2.91 -38.71 -2.30
CA MET C 166 2.38 -37.73 -3.24
C MET C 166 0.87 -37.68 -3.21
N LEU C 167 0.32 -36.50 -2.93
CA LEU C 167 -1.12 -36.29 -2.88
C LEU C 167 -1.53 -35.50 -4.13
N TYR C 168 -1.85 -36.19 -5.20
CA TYR C 168 -2.09 -35.54 -6.49
C TYR C 168 -3.44 -34.84 -6.59
N GLY C 169 -3.41 -33.62 -7.13
CA GLY C 169 -4.63 -32.85 -7.37
C GLY C 169 -4.36 -31.36 -7.40
N ASP C 170 -5.38 -30.60 -7.76
CA ASP C 170 -5.35 -29.16 -7.65
C ASP C 170 -5.35 -28.81 -6.17
N ALA C 171 -4.48 -27.88 -5.78
CA ALA C 171 -4.20 -27.63 -4.36
C ALA C 171 -5.45 -27.38 -3.53
N GLN C 172 -6.33 -26.49 -3.98
CA GLN C 172 -7.50 -26.13 -3.18
C GLN C 172 -8.57 -27.26 -3.12
N LYS C 173 -8.77 -27.96 -4.23
CA LYS C 173 -9.69 -29.09 -4.28
C LYS C 173 -9.22 -30.16 -3.27
N VAL C 174 -7.94 -30.47 -3.31
CA VAL C 174 -7.35 -31.40 -2.36
C VAL C 174 -7.55 -30.98 -0.91
N LEU C 175 -7.13 -29.76 -0.58
CA LEU C 175 -7.22 -29.27 0.79
C LEU C 175 -8.65 -29.29 1.28
N THR C 176 -9.57 -28.88 0.41
CA THR C 176 -11.00 -28.98 0.67
C THR C 176 -11.36 -30.41 1.07
N GLU C 177 -10.90 -31.39 0.29
CA GLU C 177 -11.21 -32.79 0.57
C GLU C 177 -10.54 -33.27 1.85
N LEU C 178 -9.33 -32.78 2.11
CA LEU C 178 -8.62 -33.14 3.36
C LEU C 178 -9.39 -32.67 4.57
N ILE C 179 -9.90 -31.45 4.51
CA ILE C 179 -10.68 -30.89 5.61
C ILE C 179 -11.92 -31.74 5.85
N GLN C 180 -12.61 -32.11 4.78
CA GLN C 180 -13.82 -32.92 4.89
C GLN C 180 -13.54 -34.31 5.41
N ALA C 181 -12.42 -34.88 4.97
CA ALA C 181 -12.00 -36.19 5.46
C ALA C 181 -11.62 -36.12 6.93
N LEU C 182 -11.01 -35.01 7.33
CA LEU C 182 -10.53 -34.86 8.71
C LEU C 182 -11.70 -34.60 9.67
N LYS C 183 -12.70 -33.86 9.18
CA LYS C 183 -13.93 -33.59 9.95
C LYS C 183 -14.72 -34.87 10.26
N ARG C 184 -14.56 -35.88 9.43
CA ARG C 184 -15.19 -37.19 9.64
C ARG C 184 -14.48 -38.05 10.68
N LEU C 185 -13.27 -37.65 11.08
CA LEU C 185 -12.48 -38.44 12.06
C LEU C 185 -12.54 -37.87 13.49
PA NAD D . 5.59 -6.19 -20.39
O1A NAD D . 5.88 -7.81 -20.18
O2A NAD D . 4.01 -5.71 -20.47
O5B NAD D . 6.35 -5.76 -21.80
C5B NAD D . 6.50 -4.40 -22.22
C4B NAD D . 5.41 -3.92 -23.20
O4B NAD D . 5.90 -4.17 -24.53
C3B NAD D . 4.14 -4.77 -23.20
O3B NAD D . 3.18 -4.34 -22.22
C2B NAD D . 3.56 -4.59 -24.61
O2B NAD D . 2.51 -3.63 -24.65
C1B NAD D . 4.78 -4.15 -25.44
N9A NAD D . 4.86 -5.00 -26.62
C8A NAD D . 5.82 -5.92 -26.88
N7A NAD D . 5.58 -6.53 -28.06
C5A NAD D . 4.44 -6.01 -28.59
C6A NAD D . 3.71 -6.25 -29.75
N6A NAD D . 4.12 -7.16 -30.65
N1A NAD D . 2.58 -5.55 -30.00
C2A NAD D . 2.15 -4.64 -29.11
N3A NAD D . 2.84 -4.39 -27.98
C4A NAD D . 3.98 -5.05 -27.67
O3 NAD D . 6.29 -5.23 -19.25
PN NAD D . 7.25 -5.92 -18.10
O1N NAD D . 8.50 -6.61 -18.94
O2N NAD D . 6.35 -6.86 -17.10
O5D NAD D . 7.85 -4.67 -17.19
C5D NAD D . 8.24 -5.01 -15.86
C4D NAD D . 9.75 -4.82 -15.56
O4D NAD D . 10.50 -6.00 -15.87
C3D NAD D . 10.32 -3.66 -16.39
O3D NAD D . 10.96 -2.75 -15.50
C2D NAD D . 11.38 -4.30 -17.30
O2D NAD D . 12.56 -3.49 -17.35
C1D NAD D . 11.63 -5.71 -16.71
N1N NAD D . 11.67 -6.75 -17.73
C2N NAD D . 11.50 -8.04 -17.35
C3N NAD D . 11.52 -9.09 -18.27
C7N NAD D . 11.31 -10.50 -17.81
O7N NAD D . 11.23 -11.42 -18.61
N7N NAD D . 11.23 -10.72 -16.49
C4N NAD D . 11.73 -8.81 -19.62
C5N NAD D . 11.92 -7.48 -20.00
C6N NAD D . 11.88 -6.46 -19.05
PA NAD E . -14.73 11.29 18.05
O1A NAD E . -14.64 12.00 16.57
O2A NAD E . -15.28 12.17 19.30
O5B NAD E . -13.22 10.75 18.36
C5B NAD E . -13.01 10.31 19.66
C4B NAD E . -12.58 8.86 19.62
O4B NAD E . -11.27 8.94 20.19
C3B NAD E . -13.43 8.10 20.63
O3B NAD E . -13.30 6.69 20.45
C2B NAD E . -12.76 8.46 21.96
O2B NAD E . -13.05 7.54 23.03
C1B NAD E . -11.28 8.53 21.55
N9A NAD E . -10.64 9.42 22.50
C8A NAD E . -11.09 10.63 22.87
N7A NAD E . -10.25 11.15 23.78
C5A NAD E . -9.25 10.27 24.01
C6A NAD E . -8.13 10.27 24.84
N6A NAD E . -7.86 11.31 25.62
N1A NAD E . -7.29 9.21 24.84
C2A NAD E . -7.55 8.16 24.05
N3A NAD E . -8.63 8.12 23.24
C4A NAD E . -9.50 9.16 23.19
O3 NAD E . -15.55 9.87 18.13
PN NAD E . -16.61 9.46 16.93
O1N NAD E . -15.77 8.55 15.86
O2N NAD E . -17.46 10.78 16.46
O5D NAD E . -17.70 8.51 17.71
C5D NAD E . -18.34 9.06 18.87
C4D NAD E . -19.30 7.97 19.37
O4D NAD E . -20.21 7.50 18.34
C3D NAD E . -18.45 6.75 19.73
O3D NAD E . -18.88 6.30 21.01
C2D NAD E . -18.87 5.67 18.73
O2D NAD E . -18.77 4.39 19.34
C1D NAD E . -20.32 6.08 18.51
N1N NAD E . -20.88 5.40 17.35
C2N NAD E . -21.78 4.43 17.59
C3N NAD E . -22.36 3.73 16.53
C7N NAD E . -23.36 2.67 16.82
O7N NAD E . -23.23 1.96 17.80
N7N NAD E . -24.38 2.53 15.95
C4N NAD E . -21.98 4.00 15.22
C5N NAD E . -21.04 5.01 15.00
C6N NAD E . -20.49 5.70 16.09
CL CL F . 0.88 12.75 1.82
C1 PGE G . -20.40 13.37 18.77
O1 PGE G . -20.52 12.63 17.54
C2 PGE G . -19.85 12.43 19.85
O2 PGE G . -20.90 12.08 20.77
C3 PGE G . -20.50 12.41 22.12
C4 PGE G . -19.08 11.95 22.47
O4 PGE G . -16.78 10.87 24.73
C6 PGE G . -17.59 9.71 24.50
C5 PGE G . -18.99 10.19 24.09
O3 PGE G . -19.03 10.52 22.69
C1 GOL H . -3.78 -8.46 4.77
O1 GOL H . -2.37 -8.26 4.92
C2 GOL H . -4.19 -9.07 3.42
O2 GOL H . -5.31 -8.32 2.91
C3 GOL H . -3.02 -9.10 2.42
O3 GOL H . -3.21 -9.77 1.15
PA NAP I . 8.08 -24.08 -8.43
O1A NAP I . 9.47 -24.77 -7.97
O2A NAP I . 7.94 -23.21 -9.82
O5B NAP I . 6.99 -25.30 -8.52
C5B NAP I . 5.60 -24.97 -8.60
C4B NAP I . 4.80 -26.26 -8.55
O4B NAP I . 3.42 -25.99 -8.41
C3B NAP I . 4.75 -26.96 -9.90
O3B NAP I . 5.52 -28.13 -9.60
C2B NAP I . 3.31 -27.40 -10.17
O2B NAP I . 3.27 -28.77 -10.53
C1B NAP I . 2.65 -27.07 -8.86
N9A NAP I . 1.31 -26.56 -9.19
C8A NAP I . 1.00 -25.71 -10.19
N7A NAP I . -0.31 -25.48 -10.17
C5A NAP I . -0.87 -26.17 -9.15
C6A NAP I . -2.15 -26.31 -8.63
N6A NAP I . -3.21 -25.68 -9.17
N1A NAP I . -2.34 -27.12 -7.55
C2A NAP I . -1.31 -27.77 -6.97
N3A NAP I . -0.07 -27.62 -7.46
C4A NAP I . 0.18 -26.85 -8.52
O3 NAP I . 7.52 -23.18 -7.20
PN NAP I . 8.21 -22.94 -5.74
O1N NAP I . 8.58 -24.37 -5.00
O2N NAP I . 7.23 -21.85 -4.99
O5D NAP I . 9.57 -22.15 -6.19
C5D NAP I . 9.66 -20.89 -6.83
C4D NAP I . 10.65 -20.93 -7.99
O4D NAP I . 10.69 -19.76 -8.78
C3D NAP I . 12.08 -20.99 -7.42
O3D NAP I . 12.78 -21.64 -8.48
C2D NAP I . 12.50 -19.52 -7.41
O2D NAP I . 13.92 -19.56 -7.48
C1D NAP I . 11.91 -19.03 -8.72
N1N NAP I . 11.54 -17.63 -8.76
C2N NAP I . 11.08 -16.99 -7.66
C3N NAP I . 10.71 -15.64 -7.72
C7N NAP I . 10.23 -15.02 -6.45
O7N NAP I . 10.36 -13.81 -6.39
N7N NAP I . 9.68 -15.66 -5.40
C4N NAP I . 10.79 -14.95 -8.94
C5N NAP I . 11.25 -15.61 -10.08
C6N NAP I . 11.62 -16.96 -9.95
P2B NAP I . 2.04 -29.59 -11.23
O1X NAP I . 2.04 -29.08 -12.79
O2X NAP I . 2.41 -31.16 -11.03
O3X NAP I . 0.67 -29.19 -10.42
C1 GOL J . 2.87 -39.50 13.07
O1 GOL J . 2.54 -38.44 13.98
C2 GOL J . 1.80 -39.71 11.99
O2 GOL J . 0.71 -38.78 12.11
C3 GOL J . 2.38 -39.62 10.58
O3 GOL J . 1.80 -40.62 9.74
#